data_2MTZ
#
_entry.id   2MTZ
#
loop_
_entity.id
_entity.type
_entity.pdbx_description
1 polymer 'Putative L,D-transpeptidase YkuD'
2 polymer 'intact bacterial peptidoglycan'
3 branched '2-acetamido-2-deoxy-beta-D-glucopyranose-(1-4)-N-acetyl-beta-muramic acid-(1-4)-2-acetamido-2-deoxy-beta-D-glucopyranose-(1-4)-N-acetyl-beta-muramic acid-(1-4)-2-acetamido-2-deoxy-beta-D-glucopyranose-(1-4)-N-acetyl-beta-muramic acid-(1-4)-2-acetamido-2-deoxy-beta-D-glucopyranose-(1-4)-N-acetyl-beta-muramic acid-(1-4)-2-acetamido-2-deoxy-beta-D-glucopyranose-(1-4)-N-acetyl-beta-muramic acid-(1-4)-2-acetamido-2-deoxy-beta-D-glucopyranose-(1-4)-N-acetyl-beta-muramic acid'
#
loop_
_entity_poly.entity_id
_entity_poly.type
_entity_poly.pdbx_seq_one_letter_code
_entity_poly.pdbx_strand_id
1 'polypeptide(L)'
;GRKLLTYQVKQGDTLNSIAADFRISTAALLQANPSLQAGLTAGQSIVIPGLPDPYTIPYHIAVSIGAKTLTLSLNNRVMK
TYPIAVGKILTQTPTGEFYIINRQRNPGGPFGAYWLSLSKQHYGIHGTNNPASIGKAVSKGCIRMHNKDVIELASIVPNG
TRVTINRGSHHHHHH
;
A
2 'polypeptide(L)' A(FGA)(API)(DAL) B,C,D,E,F,G
#
# COMPACT_ATOMS: atom_id res chain seq x y z
N GLY A 1 24.46 5.63 6.11
CA GLY A 1 23.35 6.07 5.23
C GLY A 1 22.04 5.45 5.64
N ARG A 2 20.98 6.24 5.67
CA ARG A 2 19.67 5.75 6.06
C ARG A 2 18.68 5.88 4.91
N LYS A 3 18.56 4.84 4.11
CA LYS A 3 17.64 4.86 2.98
C LYS A 3 16.20 4.71 3.46
N LEU A 4 15.43 5.77 3.33
CA LEU A 4 14.05 5.77 3.75
C LEU A 4 13.13 5.91 2.55
N LEU A 5 11.84 5.77 2.78
CA LEU A 5 10.85 5.86 1.72
C LEU A 5 10.68 7.31 1.27
N THR A 6 10.30 7.47 0.00
CA THR A 6 10.06 8.78 -0.57
C THR A 6 8.71 8.79 -1.28
N TYR A 7 7.78 9.59 -0.77
CA TYR A 7 6.45 9.67 -1.34
C TYR A 7 6.28 10.95 -2.17
N GLN A 8 5.67 10.81 -3.33
CA GLN A 8 5.45 11.95 -4.22
C GLN A 8 4.04 12.50 -4.04
N VAL A 9 3.95 13.75 -3.60
CA VAL A 9 2.66 14.40 -3.38
C VAL A 9 2.24 15.27 -4.56
N LYS A 10 0.97 15.69 -4.55
CA LYS A 10 0.42 16.53 -5.61
C LYS A 10 -0.16 17.80 -5.01
N GLN A 11 -0.90 18.56 -5.81
CA GLN A 11 -1.50 19.78 -5.33
C GLN A 11 -3.00 19.62 -5.14
N GLY A 12 -3.41 19.48 -3.90
CA GLY A 12 -4.81 19.31 -3.58
C GLY A 12 -4.98 18.43 -2.37
N ASP A 13 -4.00 17.57 -2.15
CA ASP A 13 -4.03 16.65 -1.01
C ASP A 13 -3.70 17.40 0.28
N THR A 14 -4.63 17.43 1.21
CA THR A 14 -4.44 18.11 2.48
C THR A 14 -3.40 17.37 3.32
N LEU A 15 -2.47 18.12 3.91
CA LEU A 15 -1.41 17.54 4.73
C LEU A 15 -1.98 16.68 5.85
N ASN A 16 -3.03 17.18 6.50
CA ASN A 16 -3.69 16.46 7.58
C ASN A 16 -4.22 15.11 7.09
N SER A 17 -4.80 15.11 5.90
CA SER A 17 -5.34 13.89 5.32
C SER A 17 -4.23 12.90 5.00
N ILE A 18 -3.10 13.41 4.55
CA ILE A 18 -1.95 12.58 4.21
C ILE A 18 -1.43 11.89 5.47
N ALA A 19 -1.24 12.67 6.53
CA ALA A 19 -0.75 12.15 7.80
C ALA A 19 -1.71 11.12 8.39
N ALA A 20 -3.00 11.40 8.26
CA ALA A 20 -4.03 10.51 8.78
C ALA A 20 -4.06 9.19 7.99
N ASP A 21 -4.11 9.30 6.67
CA ASP A 21 -4.15 8.12 5.79
C ASP A 21 -2.92 7.25 6.00
N PHE A 22 -1.77 7.89 6.21
CA PHE A 22 -0.51 7.18 6.42
C PHE A 22 -0.33 6.69 7.86
N ARG A 23 -1.24 7.09 8.74
CA ARG A 23 -1.19 6.69 10.15
C ARG A 23 0.09 7.15 10.83
N ILE A 24 0.63 8.26 10.39
CA ILE A 24 1.87 8.78 10.97
C ILE A 24 1.64 10.08 11.71
N SER A 25 2.66 10.53 12.43
CA SER A 25 2.59 11.76 13.20
C SER A 25 2.74 12.96 12.28
N THR A 26 1.86 13.93 12.45
CA THR A 26 1.88 15.14 11.64
C THR A 26 3.19 15.90 11.88
N ALA A 27 3.64 15.90 13.13
CA ALA A 27 4.88 16.56 13.51
C ALA A 27 6.08 15.89 12.84
N ALA A 28 6.01 14.58 12.69
CA ALA A 28 7.09 13.81 12.07
C ALA A 28 7.23 14.20 10.60
N LEU A 29 6.12 14.50 9.95
CA LEU A 29 6.12 14.90 8.55
C LEU A 29 6.84 16.23 8.37
N LEU A 30 6.59 17.15 9.30
CA LEU A 30 7.21 18.46 9.28
C LEU A 30 8.66 18.37 9.73
N GLN A 31 8.97 17.30 10.45
CA GLN A 31 10.31 17.08 10.94
C GLN A 31 11.22 16.65 9.80
N ALA A 32 10.76 15.69 9.01
CA ALA A 32 11.52 15.21 7.87
C ALA A 32 11.45 16.18 6.71
N ASN A 33 10.31 16.84 6.55
CA ASN A 33 10.12 17.80 5.48
C ASN A 33 9.59 19.10 6.06
N PRO A 34 10.50 20.02 6.42
CA PRO A 34 10.13 21.32 7.02
C PRO A 34 9.46 22.28 6.05
N SER A 35 9.40 21.92 4.78
CA SER A 35 8.76 22.76 3.78
C SER A 35 7.24 22.57 3.80
N LEU A 36 6.80 21.45 4.34
CA LEU A 36 5.37 21.14 4.39
C LEU A 36 4.57 22.14 5.23
N GLN A 37 5.21 22.70 6.25
CA GLN A 37 4.54 23.68 7.11
C GLN A 37 4.33 25.01 6.40
N ALA A 38 5.03 25.20 5.30
CA ALA A 38 4.92 26.42 4.53
C ALA A 38 3.92 26.24 3.39
N GLY A 39 4.10 25.17 2.62
CA GLY A 39 3.21 24.90 1.51
C GLY A 39 3.40 23.52 0.94
N LEU A 40 2.38 23.02 0.25
CA LEU A 40 2.44 21.70 -0.36
C LEU A 40 3.08 21.76 -1.74
N THR A 41 4.31 21.28 -1.84
CA THR A 41 5.02 21.29 -3.11
C THR A 41 4.64 20.09 -3.97
N ALA A 42 3.85 20.33 -5.00
CA ALA A 42 3.40 19.28 -5.90
C ALA A 42 4.56 18.73 -6.72
N GLY A 43 4.72 17.41 -6.71
CA GLY A 43 5.77 16.78 -7.47
C GLY A 43 7.04 16.58 -6.66
N GLN A 44 7.00 16.93 -5.38
CA GLN A 44 8.16 16.77 -4.52
C GLN A 44 8.14 15.44 -3.79
N SER A 45 9.30 14.82 -3.69
CA SER A 45 9.45 13.55 -3.00
C SER A 45 9.70 13.82 -1.53
N ILE A 46 8.70 13.51 -0.70
CA ILE A 46 8.81 13.71 0.73
C ILE A 46 9.32 12.46 1.42
N VAL A 47 9.99 12.65 2.53
CA VAL A 47 10.54 11.54 3.31
C VAL A 47 9.54 11.11 4.37
N ILE A 48 9.31 9.80 4.46
CA ILE A 48 8.38 9.25 5.44
C ILE A 48 9.16 8.57 6.57
N PRO A 49 9.20 9.20 7.75
CA PRO A 49 9.91 8.67 8.92
C PRO A 49 9.30 7.36 9.41
N GLY A 50 10.07 6.28 9.34
CA GLY A 50 9.59 5.00 9.79
C GLY A 50 9.39 4.03 8.64
N LEU A 51 9.43 4.52 7.42
CA LEU A 51 9.24 3.68 6.25
C LEU A 51 10.55 3.48 5.50
N PRO A 52 10.88 2.22 5.17
CA PRO A 52 12.12 1.89 4.46
C PRO A 52 12.02 2.17 2.95
N ASP A 53 13.17 2.18 2.30
CA ASP A 53 13.25 2.43 0.86
C ASP A 53 12.53 1.32 0.08
N PRO A 54 11.64 1.71 -0.86
CA PRO A 54 10.85 0.75 -1.66
C PRO A 54 11.62 0.08 -2.80
N TYR A 55 12.84 0.52 -3.08
CA TYR A 55 13.63 -0.07 -4.15
C TYR A 55 14.58 -1.10 -3.60
N THR A 56 14.93 -0.93 -2.33
CA THR A 56 15.83 -1.86 -1.65
C THR A 56 15.10 -3.19 -1.42
N ILE A 57 13.78 -3.11 -1.39
CA ILE A 57 12.94 -4.29 -1.19
C ILE A 57 12.98 -5.18 -2.43
N PRO A 58 13.53 -6.40 -2.30
CA PRO A 58 13.63 -7.34 -3.43
C PRO A 58 12.32 -8.06 -3.73
N TYR A 59 11.22 -7.42 -3.39
CA TYR A 59 9.90 -8.01 -3.62
C TYR A 59 9.02 -7.01 -4.36
N HIS A 60 8.46 -7.44 -5.48
CA HIS A 60 7.60 -6.60 -6.28
C HIS A 60 6.22 -7.20 -6.38
N ILE A 61 5.21 -6.44 -5.95
CA ILE A 61 3.84 -6.89 -6.00
C ILE A 61 3.13 -6.29 -7.21
N ALA A 62 2.79 -7.14 -8.17
CA ALA A 62 2.10 -6.70 -9.36
C ALA A 62 0.62 -7.08 -9.29
N VAL A 63 -0.21 -6.10 -9.03
CA VAL A 63 -1.65 -6.32 -8.91
C VAL A 63 -2.32 -6.17 -10.26
N SER A 64 -3.20 -7.12 -10.58
CA SER A 64 -3.92 -7.09 -11.84
C SER A 64 -5.42 -6.98 -11.55
N ILE A 65 -5.98 -5.79 -11.78
CA ILE A 65 -7.41 -5.56 -11.53
C ILE A 65 -8.30 -6.42 -12.42
N GLY A 66 -8.08 -6.36 -13.72
CA GLY A 66 -8.89 -7.13 -14.67
C GLY A 66 -8.72 -8.63 -14.51
N ALA A 67 -7.69 -9.04 -13.80
CA ALA A 67 -7.44 -10.46 -13.59
C ALA A 67 -7.66 -10.86 -12.14
N LYS A 68 -7.97 -9.87 -11.29
CA LYS A 68 -8.22 -10.10 -9.87
C LYS A 68 -7.15 -10.99 -9.24
N THR A 69 -5.89 -10.69 -9.52
CA THR A 69 -4.79 -11.49 -8.99
C THR A 69 -3.61 -10.62 -8.56
N LEU A 70 -2.84 -11.15 -7.61
CA LEU A 70 -1.67 -10.49 -7.08
C LEU A 70 -0.44 -11.29 -7.45
N THR A 71 0.42 -10.70 -8.28
CA THR A 71 1.64 -11.36 -8.72
C THR A 71 2.82 -10.98 -7.83
N LEU A 72 3.28 -11.92 -7.02
CA LEU A 72 4.41 -11.68 -6.15
C LEU A 72 5.71 -12.07 -6.84
N SER A 73 6.53 -11.07 -7.13
CA SER A 73 7.79 -11.29 -7.80
C SER A 73 8.96 -11.08 -6.85
N LEU A 74 9.81 -12.10 -6.75
CA LEU A 74 10.99 -12.04 -5.90
C LEU A 74 12.18 -11.73 -6.78
N ASN A 75 12.94 -10.69 -6.43
CA ASN A 75 14.11 -10.26 -7.21
C ASN A 75 13.79 -10.08 -8.70
N ASN A 76 12.61 -9.53 -8.97
CA ASN A 76 12.12 -9.26 -10.32
C ASN A 76 11.70 -10.53 -11.06
N ARG A 77 11.54 -11.62 -10.32
CA ARG A 77 11.12 -12.89 -10.89
C ARG A 77 9.85 -13.38 -10.23
N VAL A 78 8.82 -13.62 -11.03
CA VAL A 78 7.53 -14.11 -10.52
C VAL A 78 7.70 -15.39 -9.71
N MET A 79 7.32 -15.34 -8.43
CA MET A 79 7.42 -16.49 -7.56
C MET A 79 6.07 -17.12 -7.32
N LYS A 80 5.08 -16.31 -6.99
CA LYS A 80 3.75 -16.81 -6.73
C LYS A 80 2.67 -15.84 -7.19
N THR A 81 1.50 -16.37 -7.51
CA THR A 81 0.37 -15.56 -7.96
C THR A 81 -0.89 -16.00 -7.23
N TYR A 82 -1.47 -15.11 -6.44
CA TYR A 82 -2.68 -15.45 -5.68
C TYR A 82 -3.87 -14.61 -6.09
N PRO A 83 -5.09 -15.20 -6.08
CA PRO A 83 -6.32 -14.50 -6.43
C PRO A 83 -6.72 -13.50 -5.36
N ILE A 84 -7.12 -12.30 -5.77
CA ILE A 84 -7.50 -11.26 -4.82
C ILE A 84 -8.86 -10.64 -5.18
N ALA A 85 -9.36 -9.81 -4.29
CA ALA A 85 -10.63 -9.12 -4.51
C ALA A 85 -10.38 -7.62 -4.55
N VAL A 86 -11.00 -6.94 -5.51
CA VAL A 86 -10.82 -5.51 -5.66
C VAL A 86 -12.17 -4.80 -5.78
N GLY A 87 -12.20 -3.53 -5.38
CA GLY A 87 -13.42 -2.76 -5.47
C GLY A 87 -13.40 -1.76 -6.61
N LYS A 88 -14.50 -1.03 -6.79
CA LYS A 88 -14.59 -0.03 -7.86
C LYS A 88 -13.52 1.05 -7.70
N ILE A 89 -13.12 1.28 -6.46
CA ILE A 89 -12.10 2.26 -6.14
C ILE A 89 -10.73 1.84 -6.69
N LEU A 90 -10.55 0.53 -6.85
CA LEU A 90 -9.29 -0.01 -7.34
C LEU A 90 -9.15 0.16 -8.86
N THR A 91 -10.29 0.24 -9.54
CA THR A 91 -10.29 0.39 -10.99
C THR A 91 -9.95 1.82 -11.41
N GLN A 92 -9.93 2.72 -10.45
CA GLN A 92 -9.63 4.13 -10.72
C GLN A 92 -8.16 4.33 -11.07
N THR A 93 -7.27 3.71 -10.30
CA THR A 93 -5.84 3.86 -10.51
C THR A 93 -5.34 2.97 -11.67
N PRO A 94 -4.83 3.59 -12.74
CA PRO A 94 -4.30 2.86 -13.89
C PRO A 94 -2.93 2.22 -13.58
N THR A 95 -2.09 2.95 -12.84
CA THR A 95 -0.78 2.45 -12.46
C THR A 95 -0.79 1.95 -11.02
N GLY A 96 -1.39 2.74 -10.14
CA GLY A 96 -1.52 2.38 -8.73
C GLY A 96 -0.20 2.08 -8.05
N GLU A 97 0.74 3.02 -8.10
CA GLU A 97 2.03 2.83 -7.45
C GLU A 97 1.93 3.24 -5.98
N PHE A 98 1.71 2.25 -5.11
CA PHE A 98 1.60 2.52 -3.68
C PHE A 98 2.59 1.68 -2.88
N TYR A 99 2.92 2.16 -1.69
CA TYR A 99 3.86 1.47 -0.82
C TYR A 99 3.20 1.13 0.51
N ILE A 100 3.62 0.01 1.11
CA ILE A 100 3.08 -0.40 2.40
C ILE A 100 3.64 0.50 3.50
N ILE A 101 2.76 1.14 4.25
CA ILE A 101 3.16 2.06 5.31
C ILE A 101 3.36 1.33 6.63
N ASN A 102 2.52 0.35 6.91
CA ASN A 102 2.62 -0.41 8.15
C ASN A 102 1.74 -1.66 8.05
N ARG A 103 1.98 -2.62 8.94
CA ARG A 103 1.21 -3.85 8.95
C ARG A 103 0.68 -4.16 10.35
N GLN A 104 -0.65 -4.29 10.46
CA GLN A 104 -1.27 -4.59 11.73
C GLN A 104 -1.34 -6.10 11.96
N ARG A 105 -0.91 -6.53 13.13
CA ARG A 105 -0.89 -7.93 13.47
C ARG A 105 -1.99 -8.29 14.47
N ASN A 106 -2.90 -9.15 14.04
CA ASN A 106 -4.01 -9.65 14.87
C ASN A 106 -4.84 -8.53 15.52
N PRO A 107 -5.85 -8.03 14.79
CA PRO A 107 -6.74 -6.99 15.29
C PRO A 107 -7.82 -7.56 16.22
N GLY A 108 -8.01 -8.88 16.16
CA GLY A 108 -9.01 -9.54 16.98
C GLY A 108 -10.35 -9.66 16.28
N GLY A 109 -10.63 -8.74 15.36
CA GLY A 109 -11.89 -8.76 14.63
C GLY A 109 -11.78 -9.51 13.30
N PRO A 110 -12.88 -9.55 12.52
CA PRO A 110 -12.90 -10.24 11.22
C PRO A 110 -12.21 -9.44 10.12
N PHE A 111 -10.98 -9.01 10.40
CA PHE A 111 -10.22 -8.25 9.41
C PHE A 111 -9.40 -9.18 8.53
N GLY A 112 -9.30 -10.44 8.95
CA GLY A 112 -8.54 -11.41 8.19
C GLY A 112 -7.16 -11.69 8.76
N ALA A 113 -7.08 -11.70 10.09
CA ALA A 113 -5.83 -11.96 10.81
C ALA A 113 -4.81 -10.82 10.70
N TYR A 114 -4.49 -10.40 9.48
CA TYR A 114 -3.53 -9.33 9.26
C TYR A 114 -4.12 -8.21 8.43
N TRP A 115 -3.57 -7.01 8.59
CA TRP A 115 -4.00 -5.85 7.85
C TRP A 115 -2.79 -5.08 7.33
N LEU A 116 -2.68 -5.01 6.02
CA LEU A 116 -1.56 -4.33 5.39
C LEU A 116 -2.01 -2.94 4.94
N SER A 117 -1.54 -1.93 5.65
CA SER A 117 -1.89 -0.56 5.35
C SER A 117 -1.04 -0.03 4.19
N LEU A 118 -1.71 0.35 3.10
CA LEU A 118 -1.03 0.89 1.93
C LEU A 118 -1.02 2.40 2.01
N SER A 119 -0.59 3.05 0.93
CA SER A 119 -0.55 4.51 0.90
C SER A 119 -1.94 5.11 0.71
N LYS A 120 -2.96 4.28 0.83
CA LYS A 120 -4.35 4.72 0.70
C LYS A 120 -5.27 3.75 1.44
N GLN A 121 -6.13 4.29 2.30
CA GLN A 121 -7.05 3.48 3.10
C GLN A 121 -7.97 2.58 2.26
N HIS A 122 -8.27 2.98 1.02
CA HIS A 122 -9.15 2.18 0.17
C HIS A 122 -8.36 1.30 -0.77
N TYR A 123 -7.05 1.35 -0.67
CA TYR A 123 -6.18 0.55 -1.51
C TYR A 123 -5.32 -0.37 -0.65
N GLY A 124 -5.77 -0.59 0.58
CA GLY A 124 -5.05 -1.45 1.50
C GLY A 124 -5.41 -2.91 1.28
N ILE A 125 -4.53 -3.80 1.73
CA ILE A 125 -4.76 -5.22 1.55
C ILE A 125 -4.96 -5.91 2.90
N HIS A 126 -5.88 -6.87 2.96
CA HIS A 126 -6.15 -7.61 4.19
C HIS A 126 -6.93 -8.88 3.88
N GLY A 127 -7.09 -9.74 4.88
CA GLY A 127 -7.82 -10.97 4.70
C GLY A 127 -9.32 -10.75 4.81
N THR A 128 -10.03 -11.76 5.32
CA THR A 128 -11.47 -11.66 5.49
C THR A 128 -12.01 -12.90 6.19
N ASN A 129 -13.27 -12.84 6.59
CA ASN A 129 -13.93 -13.94 7.27
C ASN A 129 -14.72 -14.78 6.27
N ASN A 130 -14.87 -14.24 5.06
CA ASN A 130 -15.58 -14.92 3.99
C ASN A 130 -14.72 -14.98 2.73
N PRO A 131 -13.98 -16.09 2.54
CA PRO A 131 -13.08 -16.26 1.38
C PRO A 131 -13.82 -16.34 0.05
N ALA A 132 -15.14 -16.50 0.09
CA ALA A 132 -15.95 -16.58 -1.12
C ALA A 132 -16.05 -15.23 -1.80
N SER A 133 -15.74 -14.18 -1.05
CA SER A 133 -15.78 -12.83 -1.57
C SER A 133 -14.44 -12.47 -2.22
N ILE A 134 -13.50 -13.41 -2.19
CA ILE A 134 -12.18 -13.19 -2.76
C ILE A 134 -12.11 -13.76 -4.18
N GLY A 135 -11.51 -13.02 -5.09
CA GLY A 135 -11.39 -13.48 -6.45
C GLY A 135 -12.35 -12.75 -7.38
N LYS A 136 -13.28 -12.01 -6.79
CA LYS A 136 -14.27 -11.26 -7.53
C LYS A 136 -14.20 -9.78 -7.18
N ALA A 137 -14.93 -8.98 -7.93
CA ALA A 137 -14.97 -7.54 -7.70
C ALA A 137 -16.05 -7.19 -6.68
N VAL A 138 -15.72 -6.27 -5.80
CA VAL A 138 -16.63 -5.81 -4.77
C VAL A 138 -17.02 -4.35 -5.02
N SER A 139 -18.13 -3.93 -4.42
CA SER A 139 -18.64 -2.57 -4.58
C SER A 139 -17.60 -1.50 -4.18
N LYS A 140 -17.44 -1.28 -2.88
CA LYS A 140 -16.48 -0.28 -2.41
C LYS A 140 -15.59 -0.83 -1.30
N GLY A 141 -15.09 -2.03 -1.50
CA GLY A 141 -14.22 -2.64 -0.52
C GLY A 141 -12.77 -2.50 -0.92
N CYS A 142 -11.87 -2.71 0.04
CA CYS A 142 -10.44 -2.61 -0.22
C CYS A 142 -9.93 -3.94 -0.77
N ILE A 143 -8.63 -4.02 -1.04
CA ILE A 143 -8.04 -5.23 -1.56
C ILE A 143 -8.12 -6.35 -0.53
N ARG A 144 -8.84 -7.39 -0.87
CA ARG A 144 -9.01 -8.52 0.03
C ARG A 144 -8.38 -9.79 -0.51
N MET A 145 -7.77 -10.56 0.39
CA MET A 145 -7.12 -11.81 0.03
C MET A 145 -7.55 -12.91 0.99
N HIS A 146 -7.00 -14.10 0.82
CA HIS A 146 -7.34 -15.21 1.70
C HIS A 146 -6.54 -15.07 3.00
N ASN A 147 -7.00 -15.74 4.06
CA ASN A 147 -6.33 -15.68 5.35
C ASN A 147 -4.88 -16.15 5.25
N LYS A 148 -4.67 -17.25 4.54
CA LYS A 148 -3.33 -17.80 4.40
C LYS A 148 -2.47 -16.93 3.47
N ASP A 149 -3.10 -16.34 2.47
CA ASP A 149 -2.39 -15.51 1.49
C ASP A 149 -1.79 -14.27 2.13
N VAL A 150 -2.59 -13.58 2.94
CA VAL A 150 -2.12 -12.39 3.61
C VAL A 150 -1.02 -12.74 4.63
N ILE A 151 -1.14 -13.93 5.23
CA ILE A 151 -0.15 -14.38 6.19
C ILE A 151 1.18 -14.67 5.48
N GLU A 152 1.10 -15.28 4.31
CA GLU A 152 2.28 -15.60 3.53
C GLU A 152 2.95 -14.32 3.06
N LEU A 153 2.15 -13.40 2.52
CA LEU A 153 2.66 -12.13 2.04
C LEU A 153 3.34 -11.35 3.15
N ALA A 154 2.70 -11.28 4.32
CA ALA A 154 3.24 -10.55 5.46
C ALA A 154 4.54 -11.17 5.99
N SER A 155 4.81 -12.41 5.59
CA SER A 155 6.02 -13.08 6.02
C SER A 155 7.13 -12.88 4.99
N ILE A 156 6.75 -12.85 3.72
CA ILE A 156 7.71 -12.67 2.65
C ILE A 156 8.06 -11.20 2.46
N VAL A 157 7.05 -10.35 2.32
CA VAL A 157 7.29 -8.93 2.11
C VAL A 157 7.32 -8.15 3.42
N PRO A 158 8.22 -7.16 3.50
CA PRO A 158 8.36 -6.32 4.67
C PRO A 158 7.54 -5.03 4.53
N ASN A 159 8.09 -3.94 5.02
CA ASN A 159 7.42 -2.66 4.93
C ASN A 159 8.05 -1.82 3.82
N GLY A 160 7.25 -1.00 3.16
CA GLY A 160 7.75 -0.18 2.08
C GLY A 160 7.67 -0.89 0.73
N THR A 161 7.16 -2.11 0.75
CA THR A 161 7.01 -2.90 -0.45
C THR A 161 6.17 -2.16 -1.50
N ARG A 162 6.64 -2.13 -2.74
CA ARG A 162 5.95 -1.45 -3.82
C ARG A 162 4.86 -2.29 -4.45
N VAL A 163 3.62 -1.90 -4.21
CA VAL A 163 2.45 -2.57 -4.76
C VAL A 163 1.97 -1.81 -5.97
N THR A 164 2.09 -2.42 -7.14
CA THR A 164 1.68 -1.79 -8.38
C THR A 164 0.30 -2.28 -8.80
N ILE A 165 -0.70 -1.45 -8.54
CA ILE A 165 -2.09 -1.78 -8.86
C ILE A 165 -2.42 -1.43 -10.30
N ASN A 166 -2.14 -2.36 -11.19
CA ASN A 166 -2.41 -2.16 -12.61
C ASN A 166 -3.77 -2.73 -12.97
N ARG A 167 -4.56 -1.95 -13.70
CA ARG A 167 -5.88 -2.39 -14.11
C ARG A 167 -5.76 -3.51 -15.14
N GLY A 168 -4.74 -3.41 -15.99
CA GLY A 168 -4.52 -4.41 -17.00
C GLY A 168 -5.15 -4.02 -18.33
N SER A 169 -6.09 -3.09 -18.28
CA SER A 169 -6.77 -2.60 -19.47
C SER A 169 -7.23 -1.18 -19.24
N ALA B 1 19.50 10.62 3.85
CA ALA B 1 18.85 11.52 4.82
C ALA B 1 19.74 12.73 5.06
N ALA C 1 15.88 9.85 -8.40
CA ALA C 1 16.31 8.69 -9.21
C ALA C 1 16.64 7.53 -8.28
N ALA D 1 5.25 5.87 -12.52
CA ALA D 1 6.20 4.84 -12.96
C ALA D 1 5.66 4.07 -14.16
N ALA E 1 -7.47 16.09 -7.48
CA ALA E 1 -8.79 16.31 -8.10
C ALA E 1 -9.43 17.57 -7.52
N ALA F 1 -9.78 8.32 2.11
CA ALA F 1 -10.36 7.12 1.50
C ALA F 1 -11.34 6.46 2.48
N ALA G 1 -11.51 7.05 13.61
CA ALA G 1 -11.28 6.30 14.85
C ALA G 1 -10.50 5.01 14.55
N GLY A 1 24.84 7.17 1.99
CA GLY A 1 23.63 7.72 2.63
C GLY A 1 22.55 6.67 2.84
N ARG A 2 21.72 6.86 3.85
CA ARG A 2 20.65 5.91 4.16
C ARG A 2 19.53 6.00 3.12
N LYS A 3 19.07 4.85 2.65
CA LYS A 3 18.01 4.81 1.66
C LYS A 3 16.68 4.52 2.34
N LEU A 4 15.77 5.48 2.28
CA LEU A 4 14.47 5.33 2.89
C LEU A 4 13.37 5.67 1.89
N LEU A 5 12.16 5.26 2.20
CA LEU A 5 11.03 5.50 1.32
C LEU A 5 10.70 6.98 1.20
N THR A 6 10.25 7.37 0.03
CA THR A 6 9.88 8.74 -0.24
C THR A 6 8.56 8.79 -0.99
N TYR A 7 7.67 9.65 -0.54
CA TYR A 7 6.35 9.80 -1.15
C TYR A 7 6.27 11.10 -1.94
N GLN A 8 5.70 11.03 -3.12
CA GLN A 8 5.57 12.19 -3.97
C GLN A 8 4.18 12.81 -3.88
N VAL A 9 4.14 14.13 -3.83
CA VAL A 9 2.89 14.87 -3.76
C VAL A 9 2.38 15.19 -5.17
N LYS A 10 1.10 15.50 -5.28
CA LYS A 10 0.50 15.85 -6.57
C LYS A 10 -0.04 17.28 -6.53
N GLN A 11 -0.69 17.71 -7.59
CA GLN A 11 -1.22 19.07 -7.68
C GLN A 11 -2.54 19.22 -6.92
N GLY A 12 -2.45 19.79 -5.73
CA GLY A 12 -3.65 20.00 -4.93
C GLY A 12 -3.89 18.94 -3.88
N ASP A 13 -2.81 18.46 -3.25
CA ASP A 13 -2.93 17.45 -2.22
C ASP A 13 -3.17 18.10 -0.87
N THR A 14 -3.97 17.47 -0.03
CA THR A 14 -4.28 17.99 1.28
C THR A 14 -3.35 17.39 2.34
N LEU A 15 -2.80 18.25 3.19
CA LEU A 15 -1.89 17.81 4.24
C LEU A 15 -2.57 16.81 5.17
N ASN A 16 -3.84 17.06 5.44
CA ASN A 16 -4.62 16.19 6.31
C ASN A 16 -4.75 14.79 5.71
N SER A 17 -4.92 14.74 4.39
CA SER A 17 -5.06 13.47 3.69
C SER A 17 -3.75 12.70 3.66
N ILE A 18 -2.66 13.40 3.35
CA ILE A 18 -1.34 12.77 3.29
C ILE A 18 -0.99 12.08 4.61
N ALA A 19 -1.29 12.76 5.72
CA ALA A 19 -1.02 12.23 7.04
C ALA A 19 -1.93 11.03 7.35
N ALA A 20 -3.21 11.16 7.00
CA ALA A 20 -4.19 10.11 7.25
C ALA A 20 -3.89 8.86 6.41
N ASP A 21 -3.45 9.07 5.18
CA ASP A 21 -3.13 7.97 4.27
C ASP A 21 -2.03 7.08 4.83
N PHE A 22 -1.06 7.71 5.49
CA PHE A 22 0.06 6.98 6.07
C PHE A 22 -0.17 6.66 7.55
N ARG A 23 -1.33 7.08 8.06
CA ARG A 23 -1.69 6.84 9.46
C ARG A 23 -0.64 7.41 10.43
N ILE A 24 -0.24 8.66 10.20
CA ILE A 24 0.76 9.30 11.05
C ILE A 24 0.32 10.71 11.42
N SER A 25 0.88 11.23 12.51
CA SER A 25 0.56 12.56 12.98
C SER A 25 1.05 13.64 12.02
N THR A 26 0.21 14.65 11.82
CA THR A 26 0.54 15.75 10.94
C THR A 26 1.83 16.44 11.39
N ALA A 27 1.99 16.55 12.71
CA ALA A 27 3.18 17.16 13.30
C ALA A 27 4.44 16.42 12.90
N ALA A 28 4.35 15.09 12.85
CA ALA A 28 5.49 14.27 12.47
C ALA A 28 5.90 14.55 11.03
N LEU A 29 4.91 14.78 10.18
CA LEU A 29 5.17 15.09 8.78
C LEU A 29 5.87 16.43 8.65
N LEU A 30 5.50 17.37 9.53
CA LEU A 30 6.09 18.70 9.53
C LEU A 30 7.49 18.64 10.12
N GLN A 31 7.72 17.65 10.97
CA GLN A 31 9.03 17.47 11.60
C GLN A 31 10.01 16.88 10.59
N ALA A 32 9.53 15.92 9.81
CA ALA A 32 10.35 15.27 8.80
C ALA A 32 10.49 16.15 7.57
N ASN A 33 9.43 16.88 7.23
CA ASN A 33 9.41 17.77 6.09
C ASN A 33 8.82 19.12 6.48
N PRO A 34 9.67 20.04 6.97
CA PRO A 34 9.24 21.38 7.42
C PRO A 34 8.67 22.24 6.30
N SER A 35 8.85 21.80 5.07
CA SER A 35 8.35 22.54 3.92
C SER A 35 6.83 22.44 3.82
N LEU A 36 6.28 21.37 4.36
CA LEU A 36 4.84 21.13 4.33
C LEU A 36 4.04 22.17 5.11
N GLN A 37 4.61 22.66 6.22
CA GLN A 37 3.93 23.64 7.06
C GLN A 37 4.04 25.04 6.48
N ALA A 38 4.72 25.16 5.34
CA ALA A 38 4.88 26.44 4.67
C ALA A 38 4.10 26.46 3.37
N GLY A 39 4.06 25.32 2.70
CA GLY A 39 3.34 25.20 1.45
C GLY A 39 3.40 23.78 0.91
N LEU A 40 2.29 23.33 0.36
CA LEU A 40 2.23 21.97 -0.20
C LEU A 40 2.76 21.96 -1.62
N THR A 41 4.08 21.80 -1.73
CA THR A 41 4.74 21.76 -3.02
C THR A 41 4.45 20.47 -3.78
N ALA A 42 3.74 20.61 -4.88
CA ALA A 42 3.38 19.48 -5.72
C ALA A 42 4.62 18.90 -6.37
N GLY A 43 4.76 17.59 -6.32
CA GLY A 43 5.91 16.94 -6.91
C GLY A 43 7.03 16.71 -5.92
N GLN A 44 6.91 17.31 -4.74
CA GLN A 44 7.93 17.15 -3.72
C GLN A 44 7.96 15.73 -3.18
N SER A 45 9.15 15.22 -2.95
CA SER A 45 9.32 13.88 -2.43
C SER A 45 9.58 13.94 -0.94
N ILE A 46 8.57 13.63 -0.15
CA ILE A 46 8.68 13.65 1.30
C ILE A 46 9.15 12.30 1.83
N VAL A 47 10.07 12.33 2.78
CA VAL A 47 10.59 11.10 3.36
C VAL A 47 9.66 10.53 4.42
N ILE A 48 9.58 9.20 4.47
CA ILE A 48 8.75 8.51 5.44
C ILE A 48 9.63 7.80 6.46
N PRO A 49 9.75 8.38 7.67
CA PRO A 49 10.58 7.84 8.74
C PRO A 49 10.10 6.48 9.24
N GLY A 50 10.94 5.48 9.08
CA GLY A 50 10.62 4.14 9.53
C GLY A 50 10.24 3.19 8.41
N LEU A 51 10.17 3.69 7.20
CA LEU A 51 9.82 2.87 6.05
C LEU A 51 10.97 2.72 5.07
N PRO A 52 11.41 1.48 4.82
CA PRO A 52 12.51 1.20 3.90
C PRO A 52 12.15 1.57 2.46
N ASP A 53 13.16 1.88 1.67
CA ASP A 53 12.98 2.26 0.28
C ASP A 53 12.44 1.08 -0.53
N PRO A 54 11.41 1.32 -1.37
CA PRO A 54 10.77 0.26 -2.17
C PRO A 54 11.64 -0.28 -3.30
N TYR A 55 12.60 0.50 -3.76
CA TYR A 55 13.47 0.07 -4.85
C TYR A 55 14.54 -0.89 -4.33
N THR A 56 14.86 -0.74 -3.06
CA THR A 56 15.85 -1.58 -2.39
C THR A 56 15.19 -2.87 -1.87
N ILE A 57 13.98 -3.13 -2.34
CA ILE A 57 13.24 -4.33 -1.94
C ILE A 57 13.20 -5.33 -3.10
N PRO A 58 13.67 -6.56 -2.87
CA PRO A 58 13.70 -7.62 -3.91
C PRO A 58 12.35 -8.30 -4.13
N TYR A 59 11.28 -7.65 -3.70
CA TYR A 59 9.94 -8.19 -3.85
C TYR A 59 9.05 -7.21 -4.59
N HIS A 60 8.57 -7.64 -5.75
CA HIS A 60 7.69 -6.78 -6.56
C HIS A 60 6.35 -7.46 -6.76
N ILE A 61 5.33 -6.92 -6.12
CA ILE A 61 3.98 -7.47 -6.24
C ILE A 61 3.23 -6.78 -7.38
N ALA A 62 2.74 -7.60 -8.30
CA ALA A 62 2.00 -7.08 -9.44
C ALA A 62 0.53 -7.46 -9.34
N VAL A 63 -0.31 -6.46 -9.12
CA VAL A 63 -1.74 -6.69 -9.01
C VAL A 63 -2.45 -6.16 -10.25
N SER A 64 -3.42 -6.91 -10.73
CA SER A 64 -4.19 -6.53 -11.91
C SER A 64 -5.68 -6.57 -11.59
N ILE A 65 -6.35 -5.42 -11.66
CA ILE A 65 -7.78 -5.33 -11.35
C ILE A 65 -8.60 -6.26 -12.24
N GLY A 66 -8.37 -6.18 -13.55
CA GLY A 66 -9.10 -7.00 -14.51
C GLY A 66 -8.85 -8.49 -14.36
N ALA A 67 -7.86 -8.85 -13.56
CA ALA A 67 -7.53 -10.25 -13.36
C ALA A 67 -7.86 -10.70 -11.94
N LYS A 68 -7.81 -9.75 -11.00
CA LYS A 68 -8.08 -10.02 -9.59
C LYS A 68 -7.05 -11.00 -9.03
N THR A 69 -5.79 -10.81 -9.40
CA THR A 69 -4.73 -11.66 -8.93
C THR A 69 -3.54 -10.86 -8.42
N LEU A 70 -2.90 -11.39 -7.38
CA LEU A 70 -1.74 -10.78 -6.78
C LEU A 70 -0.52 -11.61 -7.17
N THR A 71 0.26 -11.08 -8.10
CA THR A 71 1.44 -11.78 -8.59
C THR A 71 2.67 -11.42 -7.76
N LEU A 72 3.13 -12.39 -6.97
CA LEU A 72 4.31 -12.21 -6.15
C LEU A 72 5.54 -12.51 -6.99
N SER A 73 6.28 -11.46 -7.32
CA SER A 73 7.48 -11.62 -8.13
C SER A 73 8.75 -11.35 -7.32
N LEU A 74 9.48 -12.42 -7.05
CA LEU A 74 10.74 -12.33 -6.31
C LEU A 74 11.82 -11.99 -7.31
N ASN A 75 12.61 -10.97 -6.99
CA ASN A 75 13.69 -10.49 -7.87
C ASN A 75 13.19 -10.15 -9.27
N ASN A 76 11.89 -9.81 -9.34
CA ASN A 76 11.20 -9.46 -10.59
C ASN A 76 10.90 -10.68 -11.44
N ARG A 77 10.94 -11.85 -10.80
CA ARG A 77 10.64 -13.11 -11.47
C ARG A 77 9.37 -13.69 -10.83
N VAL A 78 8.36 -13.95 -11.65
CA VAL A 78 7.10 -14.49 -11.15
C VAL A 78 7.31 -15.73 -10.30
N MET A 79 6.83 -15.68 -9.07
CA MET A 79 6.96 -16.79 -8.14
C MET A 79 5.61 -17.48 -7.91
N LYS A 80 4.64 -16.71 -7.42
CA LYS A 80 3.32 -17.24 -7.13
C LYS A 80 2.22 -16.22 -7.45
N THR A 81 1.07 -16.72 -7.88
CA THR A 81 -0.06 -15.87 -8.20
C THR A 81 -1.25 -16.21 -7.29
N TYR A 82 -1.60 -15.30 -6.39
CA TYR A 82 -2.70 -15.52 -5.47
C TYR A 82 -3.94 -14.70 -5.87
N PRO A 83 -5.13 -15.34 -5.85
CA PRO A 83 -6.39 -14.65 -6.19
C PRO A 83 -6.76 -13.65 -5.10
N ILE A 84 -7.09 -12.42 -5.50
CA ILE A 84 -7.45 -11.38 -4.55
C ILE A 84 -8.73 -10.65 -4.97
N ALA A 85 -9.27 -9.86 -4.06
CA ALA A 85 -10.47 -9.09 -4.33
C ALA A 85 -10.15 -7.61 -4.31
N VAL A 86 -10.76 -6.86 -5.21
CA VAL A 86 -10.55 -5.43 -5.30
C VAL A 86 -11.87 -4.69 -5.45
N GLY A 87 -11.93 -3.48 -4.94
CA GLY A 87 -13.14 -2.69 -5.05
C GLY A 87 -13.06 -1.67 -6.14
N LYS A 88 -14.16 -0.96 -6.37
CA LYS A 88 -14.21 0.06 -7.42
C LYS A 88 -13.21 1.19 -7.14
N ILE A 89 -12.88 1.37 -5.88
CA ILE A 89 -11.95 2.41 -5.45
C ILE A 89 -10.52 2.06 -5.89
N LEU A 90 -10.28 0.79 -6.19
CA LEU A 90 -8.96 0.33 -6.61
C LEU A 90 -8.68 0.72 -8.06
N THR A 91 -9.74 0.88 -8.83
CA THR A 91 -9.61 1.23 -10.25
C THR A 91 -9.43 2.72 -10.49
N GLN A 92 -9.06 3.47 -9.46
CA GLN A 92 -8.86 4.91 -9.61
C GLN A 92 -7.54 5.22 -10.30
N THR A 93 -6.45 4.68 -9.76
CA THR A 93 -5.13 4.92 -10.32
C THR A 93 -4.64 3.72 -11.13
N PRO A 94 -4.32 3.94 -12.42
CA PRO A 94 -3.81 2.88 -13.30
C PRO A 94 -2.46 2.35 -12.85
N THR A 95 -1.64 3.22 -12.26
CA THR A 95 -0.33 2.82 -11.76
C THR A 95 -0.48 2.08 -10.45
N GLY A 96 -1.09 2.75 -9.47
CA GLY A 96 -1.32 2.16 -8.16
C GLY A 96 -0.05 1.69 -7.48
N GLU A 97 1.01 2.47 -7.59
CA GLU A 97 2.28 2.12 -6.98
C GLU A 97 2.31 2.50 -5.51
N PHE A 98 1.82 1.59 -4.68
CA PHE A 98 1.79 1.81 -3.25
C PHE A 98 2.70 0.81 -2.55
N TYR A 99 3.01 1.07 -1.28
CA TYR A 99 3.89 0.18 -0.53
C TYR A 99 3.36 -0.11 0.85
N ILE A 100 3.75 -1.26 1.40
CA ILE A 100 3.33 -1.66 2.74
C ILE A 100 4.02 -0.77 3.75
N ILE A 101 3.26 0.13 4.35
CA ILE A 101 3.81 1.07 5.32
C ILE A 101 3.83 0.48 6.73
N ASN A 102 2.92 -0.44 7.01
CA ASN A 102 2.84 -1.05 8.32
C ASN A 102 2.00 -2.31 8.27
N ARG A 103 1.95 -3.06 9.36
CA ARG A 103 1.17 -4.29 9.43
C ARG A 103 0.81 -4.65 10.87
N GLN A 104 -0.43 -5.02 11.08
CA GLN A 104 -0.91 -5.40 12.40
C GLN A 104 -1.17 -6.90 12.43
N ARG A 105 -0.60 -7.59 13.41
CA ARG A 105 -0.77 -9.03 13.51
C ARG A 105 -1.88 -9.39 14.50
N ASN A 106 -2.79 -10.26 14.03
CA ASN A 106 -3.92 -10.74 14.83
C ASN A 106 -4.74 -9.62 15.44
N PRO A 107 -5.76 -9.15 14.70
CA PRO A 107 -6.63 -8.07 15.17
C PRO A 107 -7.83 -8.60 15.94
N GLY A 108 -7.91 -9.92 16.09
CA GLY A 108 -9.01 -10.52 16.81
C GLY A 108 -10.24 -10.71 15.94
N GLY A 109 -10.68 -9.63 15.29
CA GLY A 109 -11.84 -9.68 14.44
C GLY A 109 -11.60 -10.45 13.15
N PRO A 110 -12.66 -10.64 12.34
CA PRO A 110 -12.57 -11.38 11.07
C PRO A 110 -11.94 -10.55 9.95
N PHE A 111 -10.74 -10.04 10.23
CA PHE A 111 -10.03 -9.23 9.27
C PHE A 111 -8.96 -10.04 8.54
N GLY A 112 -9.03 -11.36 8.66
CA GLY A 112 -8.07 -12.23 8.01
C GLY A 112 -6.89 -12.58 8.88
N ALA A 113 -6.97 -12.21 10.16
CA ALA A 113 -5.91 -12.47 11.15
C ALA A 113 -4.66 -11.61 10.93
N TYR A 114 -4.62 -10.91 9.81
CA TYR A 114 -3.50 -10.04 9.49
C TYR A 114 -3.99 -8.80 8.75
N TRP A 115 -3.44 -7.65 9.11
CA TRP A 115 -3.83 -6.39 8.49
C TRP A 115 -2.61 -5.66 7.95
N LEU A 116 -2.60 -5.39 6.65
CA LEU A 116 -1.49 -4.69 6.02
C LEU A 116 -1.90 -3.26 5.67
N SER A 117 -1.13 -2.30 6.15
CA SER A 117 -1.40 -0.90 5.92
C SER A 117 -0.63 -0.42 4.69
N LEU A 118 -1.33 0.17 3.74
CA LEU A 118 -0.72 0.66 2.52
C LEU A 118 -0.57 2.19 2.56
N SER A 119 -0.02 2.76 1.49
CA SER A 119 0.20 4.20 1.40
C SER A 119 -1.08 4.97 1.06
N LYS A 120 -2.22 4.29 1.19
CA LYS A 120 -3.51 4.88 0.93
C LYS A 120 -4.54 4.24 1.83
N GLN A 121 -5.58 4.98 2.18
CA GLN A 121 -6.64 4.49 3.03
C GLN A 121 -7.35 3.27 2.45
N HIS A 122 -8.18 3.51 1.45
CA HIS A 122 -8.97 2.45 0.81
C HIS A 122 -8.16 1.58 -0.16
N TYR A 123 -6.86 1.50 0.06
CA TYR A 123 -5.98 0.70 -0.80
C TYR A 123 -5.20 -0.31 0.04
N GLY A 124 -5.69 -0.57 1.25
CA GLY A 124 -5.03 -1.49 2.15
C GLY A 124 -5.21 -2.94 1.74
N ILE A 125 -4.38 -3.81 2.29
CA ILE A 125 -4.44 -5.24 2.00
C ILE A 125 -4.66 -6.04 3.27
N HIS A 126 -5.50 -7.05 3.20
CA HIS A 126 -5.78 -7.91 4.35
C HIS A 126 -6.74 -9.03 3.96
N GLY A 127 -7.00 -9.94 4.89
CA GLY A 127 -7.92 -11.03 4.61
C GLY A 127 -9.32 -10.67 5.03
N THR A 128 -10.17 -11.68 5.17
CA THR A 128 -11.55 -11.46 5.59
C THR A 128 -12.16 -12.78 6.08
N ASN A 129 -13.41 -12.74 6.49
CA ASN A 129 -14.10 -13.93 7.00
C ASN A 129 -14.76 -14.72 5.87
N ASN A 130 -15.10 -14.03 4.79
CA ASN A 130 -15.74 -14.68 3.65
C ASN A 130 -14.72 -14.90 2.52
N PRO A 131 -14.24 -16.15 2.37
CA PRO A 131 -13.27 -16.49 1.33
C PRO A 131 -13.87 -16.40 -0.08
N ALA A 132 -15.18 -16.55 -0.16
CA ALA A 132 -15.88 -16.48 -1.44
C ALA A 132 -15.98 -15.04 -1.93
N SER A 133 -15.52 -14.10 -1.10
CA SER A 133 -15.53 -12.69 -1.44
C SER A 133 -14.22 -12.33 -2.13
N ILE A 134 -13.27 -13.26 -2.08
CA ILE A 134 -11.96 -13.05 -2.67
C ILE A 134 -11.93 -13.59 -4.09
N GLY A 135 -11.39 -12.80 -5.01
CA GLY A 135 -11.31 -13.23 -6.40
C GLY A 135 -12.35 -12.55 -7.27
N LYS A 136 -13.02 -11.55 -6.72
CA LYS A 136 -14.05 -10.83 -7.46
C LYS A 136 -14.00 -9.35 -7.11
N ALA A 137 -14.76 -8.55 -7.84
CA ALA A 137 -14.80 -7.10 -7.61
C ALA A 137 -15.87 -6.76 -6.58
N VAL A 138 -15.50 -5.94 -5.61
CA VAL A 138 -16.41 -5.52 -4.56
C VAL A 138 -16.70 -4.02 -4.69
N SER A 139 -17.72 -3.54 -3.99
CA SER A 139 -18.10 -2.14 -4.06
C SER A 139 -17.06 -1.22 -3.42
N LYS A 140 -17.07 -1.15 -2.10
CA LYS A 140 -16.14 -0.29 -1.37
C LYS A 140 -15.15 -1.09 -0.55
N GLY A 141 -14.54 -2.07 -1.16
CA GLY A 141 -13.57 -2.89 -0.45
C GLY A 141 -12.17 -2.72 -1.00
N CYS A 142 -11.18 -2.96 -0.18
CA CYS A 142 -9.79 -2.83 -0.59
C CYS A 142 -9.26 -4.19 -1.04
N ILE A 143 -7.94 -4.28 -1.23
CA ILE A 143 -7.32 -5.53 -1.64
C ILE A 143 -7.47 -6.58 -0.55
N ARG A 144 -8.37 -7.52 -0.76
CA ARG A 144 -8.61 -8.56 0.20
C ARG A 144 -8.12 -9.91 -0.31
N MET A 145 -7.40 -10.63 0.53
CA MET A 145 -6.85 -11.94 0.18
C MET A 145 -7.49 -13.00 1.07
N HIS A 146 -7.07 -14.24 0.88
CA HIS A 146 -7.59 -15.34 1.69
C HIS A 146 -6.89 -15.32 3.05
N ASN A 147 -7.40 -16.13 3.98
CA ASN A 147 -6.84 -16.19 5.33
C ASN A 147 -5.35 -16.54 5.33
N LYS A 148 -5.02 -17.66 4.71
CA LYS A 148 -3.64 -18.11 4.66
C LYS A 148 -2.81 -17.24 3.71
N ASP A 149 -3.45 -16.73 2.66
CA ASP A 149 -2.77 -15.92 1.65
C ASP A 149 -2.12 -14.68 2.27
N VAL A 150 -2.88 -13.95 3.08
CA VAL A 150 -2.34 -12.74 3.71
C VAL A 150 -1.28 -13.10 4.75
N ILE A 151 -1.46 -14.25 5.40
CA ILE A 151 -0.52 -14.72 6.40
C ILE A 151 0.83 -15.06 5.76
N GLU A 152 0.76 -15.76 4.62
CA GLU A 152 1.96 -16.15 3.89
C GLU A 152 2.68 -14.93 3.33
N LEU A 153 1.92 -14.06 2.66
CA LEU A 153 2.48 -12.86 2.07
C LEU A 153 3.15 -11.97 3.11
N ALA A 154 2.46 -11.75 4.23
CA ALA A 154 2.97 -10.92 5.32
C ALA A 154 4.24 -11.46 5.94
N SER A 155 4.58 -12.70 5.64
CA SER A 155 5.79 -13.32 6.16
C SER A 155 6.90 -13.25 5.11
N ILE A 156 6.51 -13.31 3.84
CA ILE A 156 7.47 -13.27 2.74
C ILE A 156 7.92 -11.84 2.44
N VAL A 157 6.97 -10.91 2.37
CA VAL A 157 7.29 -9.52 2.09
C VAL A 157 7.31 -8.66 3.35
N PRO A 158 8.34 -7.84 3.51
CA PRO A 158 8.49 -6.96 4.66
C PRO A 158 7.90 -5.57 4.37
N ASN A 159 8.29 -4.59 5.19
CA ASN A 159 7.81 -3.23 5.03
C ASN A 159 8.52 -2.57 3.86
N GLY A 160 7.79 -1.73 3.12
CA GLY A 160 8.39 -1.05 1.99
C GLY A 160 8.11 -1.76 0.68
N THR A 161 7.57 -2.96 0.76
CA THR A 161 7.25 -3.74 -0.43
C THR A 161 6.26 -3.00 -1.33
N ARG A 162 6.65 -2.75 -2.56
CA ARG A 162 5.82 -2.04 -3.51
C ARG A 162 4.84 -2.96 -4.21
N VAL A 163 3.58 -2.58 -4.17
CA VAL A 163 2.50 -3.34 -4.80
C VAL A 163 1.93 -2.50 -5.94
N THR A 164 2.26 -2.88 -7.16
CA THR A 164 1.77 -2.17 -8.32
C THR A 164 0.34 -2.59 -8.66
N ILE A 165 -0.61 -1.74 -8.30
CA ILE A 165 -2.02 -2.02 -8.56
C ILE A 165 -2.42 -1.51 -9.93
N ASN A 166 -2.23 -2.36 -10.93
CA ASN A 166 -2.56 -2.02 -12.31
C ASN A 166 -4.01 -2.35 -12.59
N ARG A 167 -4.64 -1.60 -13.46
CA ARG A 167 -6.03 -1.85 -13.82
C ARG A 167 -6.11 -3.12 -14.64
N GLY A 168 -5.05 -3.37 -15.39
CA GLY A 168 -5.00 -4.55 -16.25
C GLY A 168 -5.56 -4.21 -17.61
N SER A 169 -6.77 -3.66 -17.60
CA SER A 169 -7.45 -3.25 -18.82
C SER A 169 -8.40 -2.10 -18.50
N ALA B 1 20.53 12.81 3.63
CA ALA B 1 19.85 13.58 4.68
C ALA B 1 20.85 14.57 5.29
N ALA C 1 16.53 8.51 -6.78
CA ALA C 1 16.68 7.75 -8.03
C ALA C 1 16.41 6.27 -7.76
N ALA D 1 4.79 6.37 -11.34
CA ALA D 1 6.12 5.77 -11.11
C ALA D 1 6.48 4.86 -12.29
N ALA E 1 -5.90 17.23 -6.47
CA ALA E 1 -7.18 17.93 -6.65
C ALA E 1 -6.92 19.32 -7.23
N ALA F 1 -9.93 8.85 1.64
CA ALA F 1 -10.61 7.90 0.75
C ALA F 1 -11.47 6.94 1.56
N ALA G 1 -10.52 13.83 13.03
CA ALA G 1 -9.62 14.51 13.96
C ALA G 1 -8.18 14.41 13.46
N GLY A 1 23.67 8.85 6.19
CA GLY A 1 22.25 9.21 5.91
C GLY A 1 21.32 8.05 6.20
N ARG A 2 20.04 8.29 6.06
CA ARG A 2 19.05 7.25 6.31
C ARG A 2 18.06 7.14 5.17
N LYS A 3 18.03 5.98 4.54
CA LYS A 3 17.11 5.74 3.42
C LYS A 3 15.70 5.51 3.96
N LEU A 4 14.88 6.55 3.87
CA LEU A 4 13.51 6.49 4.34
C LEU A 4 12.55 6.65 3.16
N LEU A 5 11.26 6.43 3.42
CA LEU A 5 10.24 6.54 2.39
C LEU A 5 10.09 7.97 1.88
N THR A 6 9.79 8.11 0.60
CA THR A 6 9.62 9.41 -0.02
C THR A 6 8.27 9.48 -0.74
N TYR A 7 7.52 10.56 -0.51
CA TYR A 7 6.21 10.75 -1.12
C TYR A 7 6.22 11.95 -2.06
N GLN A 8 5.46 11.84 -3.15
CA GLN A 8 5.34 12.91 -4.14
C GLN A 8 4.06 13.71 -3.89
N VAL A 9 4.21 14.97 -3.51
CA VAL A 9 3.08 15.84 -3.23
C VAL A 9 2.50 16.47 -4.50
N LYS A 10 1.18 16.63 -4.54
CA LYS A 10 0.51 17.23 -5.68
C LYS A 10 0.19 18.71 -5.42
N GLN A 11 -0.43 19.37 -6.39
CA GLN A 11 -0.75 20.79 -6.27
C GLN A 11 -1.99 21.03 -5.41
N GLY A 12 -1.76 21.32 -4.13
CA GLY A 12 -2.85 21.60 -3.22
C GLY A 12 -3.11 20.47 -2.25
N ASP A 13 -2.14 19.56 -2.12
CA ASP A 13 -2.28 18.44 -1.20
C ASP A 13 -2.31 18.93 0.24
N THR A 14 -3.35 18.54 0.96
CA THR A 14 -3.49 18.94 2.36
C THR A 14 -2.69 18.02 3.28
N LEU A 15 -1.98 18.63 4.20
CA LEU A 15 -1.15 17.90 5.15
C LEU A 15 -1.99 16.94 5.98
N ASN A 16 -3.22 17.34 6.30
CA ASN A 16 -4.13 16.51 7.07
C ASN A 16 -4.45 15.22 6.34
N SER A 17 -4.69 15.33 5.04
CA SER A 17 -5.00 14.18 4.21
C SER A 17 -3.81 13.25 4.10
N ILE A 18 -2.61 13.83 3.92
CA ILE A 18 -1.39 13.05 3.82
C ILE A 18 -1.13 12.25 5.11
N ALA A 19 -1.28 12.92 6.25
CA ALA A 19 -1.07 12.28 7.55
C ALA A 19 -2.12 11.19 7.79
N ALA A 20 -3.33 11.41 7.30
CA ALA A 20 -4.41 10.46 7.47
C ALA A 20 -4.18 9.18 6.68
N ASP A 21 -3.78 9.32 5.42
CA ASP A 21 -3.55 8.16 4.57
C ASP A 21 -2.32 7.37 5.00
N PHE A 22 -1.24 8.06 5.31
CA PHE A 22 0.00 7.42 5.73
C PHE A 22 -0.03 7.03 7.21
N ARG A 23 -1.10 7.39 7.90
CA ARG A 23 -1.29 7.07 9.32
C ARG A 23 -0.12 7.53 10.19
N ILE A 24 0.54 8.61 9.78
CA ILE A 24 1.68 9.14 10.53
C ILE A 24 1.31 10.41 11.26
N SER A 25 2.18 10.86 12.14
CA SER A 25 1.95 12.06 12.92
C SER A 25 2.35 13.30 12.12
N THR A 26 1.55 14.35 12.24
CA THR A 26 1.81 15.60 11.55
C THR A 26 3.15 16.19 11.98
N ALA A 27 3.49 16.00 13.26
CA ALA A 27 4.74 16.49 13.81
C ALA A 27 5.94 15.85 13.12
N ALA A 28 5.85 14.54 12.87
CA ALA A 28 6.92 13.81 12.20
C ALA A 28 7.13 14.34 10.80
N LEU A 29 6.03 14.67 10.13
CA LEU A 29 6.09 15.20 8.77
C LEU A 29 6.82 16.54 8.75
N LEU A 30 6.59 17.34 9.79
CA LEU A 30 7.22 18.65 9.91
C LEU A 30 8.69 18.54 10.29
N GLN A 31 9.01 17.56 11.14
CA GLN A 31 10.38 17.36 11.58
C GLN A 31 11.25 16.90 10.41
N ALA A 32 10.66 16.16 9.49
CA ALA A 32 11.39 15.68 8.34
C ALA A 32 11.40 16.72 7.22
N ASN A 33 10.27 17.39 7.04
CA ASN A 33 10.12 18.41 6.02
C ASN A 33 9.51 19.67 6.63
N PRO A 34 10.36 20.63 7.03
CA PRO A 34 9.92 21.88 7.66
C PRO A 34 9.09 22.76 6.73
N SER A 35 9.17 22.49 5.43
CA SER A 35 8.43 23.27 4.46
C SER A 35 6.95 22.92 4.46
N LEU A 36 6.60 21.77 5.03
CA LEU A 36 5.22 21.32 5.07
C LEU A 36 4.35 22.23 5.94
N GLN A 37 4.94 22.80 6.98
CA GLN A 37 4.20 23.69 7.87
C GLN A 37 4.16 25.10 7.31
N ALA A 38 4.93 25.33 6.25
CA ALA A 38 4.99 26.64 5.62
C ALA A 38 4.06 26.67 4.40
N GLY A 39 4.16 25.66 3.57
CA GLY A 39 3.34 25.57 2.38
C GLY A 39 3.67 24.35 1.56
N LEU A 40 2.64 23.57 1.25
CA LEU A 40 2.81 22.36 0.46
C LEU A 40 3.11 22.73 -0.98
N THR A 41 4.08 22.05 -1.59
CA THR A 41 4.46 22.32 -2.96
C THR A 41 4.35 21.06 -3.81
N ALA A 42 3.82 21.22 -5.01
CA ALA A 42 3.67 20.10 -5.93
C ALA A 42 5.02 19.66 -6.48
N GLY A 43 5.23 18.37 -6.53
CA GLY A 43 6.48 17.83 -7.03
C GLY A 43 7.53 17.73 -5.95
N GLN A 44 7.16 18.11 -4.73
CA GLN A 44 8.07 18.06 -3.62
C GLN A 44 8.16 16.65 -3.04
N SER A 45 9.36 16.12 -3.00
CA SER A 45 9.59 14.80 -2.46
C SER A 45 9.76 14.89 -0.95
N ILE A 46 8.71 14.55 -0.22
CA ILE A 46 8.75 14.61 1.23
C ILE A 46 9.12 13.27 1.83
N VAL A 47 9.86 13.31 2.92
CA VAL A 47 10.29 12.10 3.61
C VAL A 47 9.24 11.67 4.62
N ILE A 48 8.98 10.36 4.66
CA ILE A 48 7.99 9.80 5.59
C ILE A 48 8.70 9.07 6.73
N PRO A 49 8.76 9.69 7.92
CA PRO A 49 9.42 9.10 9.09
C PRO A 49 8.70 7.87 9.65
N GLY A 50 9.47 6.82 9.89
CA GLY A 50 8.90 5.60 10.43
C GLY A 50 8.90 4.46 9.43
N LEU A 51 9.02 4.79 8.15
CA LEU A 51 9.03 3.78 7.10
C LEU A 51 10.29 3.89 6.26
N PRO A 52 11.04 2.79 6.13
CA PRO A 52 12.29 2.75 5.35
C PRO A 52 12.04 2.87 3.85
N ASP A 53 13.14 2.90 3.10
CA ASP A 53 13.09 3.01 1.65
C ASP A 53 12.42 1.80 1.01
N PRO A 54 11.51 2.04 0.04
CA PRO A 54 10.76 0.99 -0.63
C PRO A 54 11.43 0.47 -1.91
N TYR A 55 12.66 0.90 -2.16
CA TYR A 55 13.39 0.46 -3.35
C TYR A 55 14.52 -0.48 -2.96
N THR A 56 14.87 -0.45 -1.68
CA THR A 56 15.91 -1.30 -1.15
C THR A 56 15.32 -2.69 -0.87
N ILE A 57 13.99 -2.77 -0.95
CA ILE A 57 13.28 -4.02 -0.73
C ILE A 57 13.33 -4.87 -2.00
N PRO A 58 13.94 -6.07 -1.92
CA PRO A 58 14.06 -6.97 -3.08
C PRO A 58 12.75 -7.69 -3.40
N TYR A 59 11.69 -7.33 -2.69
CA TYR A 59 10.38 -7.92 -2.88
C TYR A 59 9.48 -6.96 -3.64
N HIS A 60 8.88 -7.43 -4.72
CA HIS A 60 7.99 -6.59 -5.50
C HIS A 60 6.63 -7.24 -5.68
N ILE A 61 5.58 -6.47 -5.46
CA ILE A 61 4.23 -6.95 -5.62
C ILE A 61 3.58 -6.28 -6.84
N ALA A 62 3.11 -7.09 -7.78
CA ALA A 62 2.49 -6.58 -8.98
C ALA A 62 1.00 -6.94 -9.02
N VAL A 63 0.16 -5.92 -8.91
CA VAL A 63 -1.28 -6.12 -8.93
C VAL A 63 -1.82 -5.78 -10.32
N SER A 64 -2.72 -6.60 -10.81
CA SER A 64 -3.32 -6.39 -12.13
C SER A 64 -4.83 -6.20 -11.99
N ILE A 65 -5.31 -5.01 -12.33
CA ILE A 65 -6.74 -4.70 -12.25
C ILE A 65 -7.56 -5.64 -13.13
N GLY A 66 -7.10 -5.82 -14.37
CA GLY A 66 -7.79 -6.69 -15.29
C GLY A 66 -7.46 -8.16 -15.09
N ALA A 67 -7.31 -8.56 -13.83
CA ALA A 67 -6.98 -9.95 -13.50
C ALA A 67 -7.33 -10.27 -12.05
N LYS A 68 -7.10 -9.29 -11.17
CA LYS A 68 -7.37 -9.43 -9.73
C LYS A 68 -6.38 -10.41 -9.10
N THR A 69 -5.10 -10.23 -9.41
CA THR A 69 -4.06 -11.09 -8.88
C THR A 69 -2.88 -10.29 -8.35
N LEU A 70 -2.24 -10.84 -7.33
CA LEU A 70 -1.08 -10.25 -6.70
C LEU A 70 0.15 -11.08 -7.08
N THR A 71 0.97 -10.54 -7.95
CA THR A 71 2.17 -11.23 -8.41
C THR A 71 3.39 -10.84 -7.56
N LEU A 72 3.86 -11.77 -6.75
CA LEU A 72 5.02 -11.54 -5.89
C LEU A 72 6.30 -11.89 -6.65
N SER A 73 7.20 -10.93 -6.75
CA SER A 73 8.45 -11.13 -7.45
C SER A 73 9.65 -10.92 -6.53
N LEU A 74 10.66 -11.75 -6.70
CA LEU A 74 11.90 -11.66 -5.94
C LEU A 74 13.00 -11.20 -6.88
N ASN A 75 13.58 -10.05 -6.58
CA ASN A 75 14.64 -9.46 -7.41
C ASN A 75 14.26 -9.41 -8.89
N ASN A 76 12.98 -9.09 -9.14
CA ASN A 76 12.41 -8.97 -10.49
C ASN A 76 11.90 -10.29 -11.06
N ARG A 77 12.29 -11.40 -10.43
CA ARG A 77 11.86 -12.72 -10.89
C ARG A 77 10.58 -13.15 -10.20
N VAL A 78 9.59 -13.52 -11.01
CA VAL A 78 8.28 -13.95 -10.50
C VAL A 78 8.42 -15.15 -9.58
N MET A 79 7.78 -15.07 -8.42
CA MET A 79 7.83 -16.15 -7.44
C MET A 79 6.48 -16.85 -7.33
N LYS A 80 5.48 -16.13 -6.83
CA LYS A 80 4.15 -16.69 -6.65
C LYS A 80 3.06 -15.67 -6.98
N THR A 81 1.95 -16.13 -7.53
CA THR A 81 0.84 -15.26 -7.87
C THR A 81 -0.39 -15.63 -7.06
N TYR A 82 -0.82 -14.74 -6.17
CA TYR A 82 -1.98 -15.00 -5.34
C TYR A 82 -3.19 -14.23 -5.83
N PRO A 83 -4.36 -14.87 -5.84
CA PRO A 83 -5.61 -14.23 -6.28
C PRO A 83 -6.10 -13.26 -5.21
N ILE A 84 -6.56 -12.09 -5.63
CA ILE A 84 -7.04 -11.09 -4.69
C ILE A 84 -8.37 -10.50 -5.12
N ALA A 85 -9.00 -9.77 -4.21
CA ALA A 85 -10.28 -9.12 -4.48
C ALA A 85 -10.06 -7.63 -4.45
N VAL A 86 -10.36 -6.96 -5.55
CA VAL A 86 -10.17 -5.52 -5.64
C VAL A 86 -11.51 -4.78 -5.69
N GLY A 87 -11.50 -3.52 -5.30
CA GLY A 87 -12.71 -2.73 -5.30
C GLY A 87 -12.69 -1.69 -6.41
N LYS A 88 -13.76 -0.93 -6.53
CA LYS A 88 -13.86 0.09 -7.55
C LYS A 88 -12.95 1.28 -7.21
N ILE A 89 -12.76 1.52 -5.93
CA ILE A 89 -11.92 2.61 -5.46
C ILE A 89 -10.44 2.25 -5.65
N LEU A 90 -10.18 0.96 -5.88
CA LEU A 90 -8.83 0.47 -6.08
C LEU A 90 -8.37 0.63 -7.52
N THR A 91 -9.07 1.46 -8.27
CA THR A 91 -8.75 1.67 -9.68
C THR A 91 -8.54 3.16 -9.99
N GLN A 92 -8.19 3.94 -8.97
CA GLN A 92 -7.97 5.37 -9.15
C GLN A 92 -6.68 5.65 -9.93
N THR A 93 -5.56 5.25 -9.34
CA THR A 93 -4.26 5.46 -9.97
C THR A 93 -3.99 4.42 -11.06
N PRO A 94 -3.38 4.84 -12.18
CA PRO A 94 -3.06 3.95 -13.30
C PRO A 94 -1.94 2.97 -12.98
N THR A 95 -0.90 3.45 -12.30
CA THR A 95 0.22 2.60 -11.92
C THR A 95 0.13 2.20 -10.45
N GLY A 96 -0.52 3.06 -9.67
CA GLY A 96 -0.72 2.80 -8.24
C GLY A 96 0.49 2.27 -7.50
N GLU A 97 1.56 3.05 -7.44
CA GLU A 97 2.75 2.63 -6.73
C GLU A 97 2.59 2.91 -5.23
N PHE A 98 2.16 1.90 -4.48
CA PHE A 98 1.95 2.05 -3.05
C PHE A 98 2.88 1.14 -2.28
N TYR A 99 3.16 1.51 -1.04
CA TYR A 99 4.06 0.74 -0.19
C TYR A 99 3.41 0.47 1.16
N ILE A 100 3.68 -0.71 1.73
CA ILE A 100 3.13 -1.08 3.04
C ILE A 100 3.72 -0.21 4.14
N ILE A 101 2.86 0.50 4.85
CA ILE A 101 3.28 1.41 5.91
C ILE A 101 3.17 0.78 7.30
N ASN A 102 2.19 -0.10 7.49
CA ASN A 102 1.99 -0.72 8.79
C ASN A 102 1.37 -2.10 8.66
N ARG A 103 1.29 -2.81 9.77
CA ARG A 103 0.73 -4.15 9.78
C ARG A 103 0.20 -4.51 11.17
N GLN A 104 -0.96 -5.13 11.22
CA GLN A 104 -1.56 -5.55 12.48
C GLN A 104 -1.79 -7.05 12.48
N ARG A 105 -1.41 -7.70 13.57
CA ARG A 105 -1.57 -9.15 13.70
C ARG A 105 -2.67 -9.50 14.69
N ASN A 106 -3.67 -10.25 14.19
CA ASN A 106 -4.82 -10.68 14.99
C ASN A 106 -5.62 -9.50 15.54
N PRO A 107 -6.61 -9.03 14.78
CA PRO A 107 -7.45 -7.92 15.17
C PRO A 107 -8.75 -8.37 15.85
N GLY A 108 -8.80 -9.65 16.21
CA GLY A 108 -9.98 -10.20 16.87
C GLY A 108 -11.11 -10.50 15.90
N GLY A 109 -11.62 -9.47 15.25
CA GLY A 109 -12.72 -9.63 14.31
C GLY A 109 -12.31 -10.36 13.05
N PRO A 110 -13.26 -10.64 12.15
CA PRO A 110 -13.00 -11.35 10.89
C PRO A 110 -12.31 -10.47 9.85
N PHE A 111 -11.19 -9.88 10.22
CA PHE A 111 -10.44 -9.03 9.30
C PHE A 111 -9.54 -9.87 8.41
N GLY A 112 -9.43 -11.15 8.72
CA GLY A 112 -8.60 -12.04 7.94
C GLY A 112 -7.30 -12.37 8.63
N ALA A 113 -7.30 -12.32 9.97
CA ALA A 113 -6.12 -12.62 10.79
C ALA A 113 -5.04 -11.55 10.72
N TYR A 114 -4.77 -11.05 9.54
CA TYR A 114 -3.73 -10.04 9.36
C TYR A 114 -4.25 -8.84 8.57
N TRP A 115 -3.73 -7.66 8.88
CA TRP A 115 -4.12 -6.44 8.20
C TRP A 115 -2.88 -5.63 7.82
N LEU A 116 -2.66 -5.49 6.53
CA LEU A 116 -1.51 -4.74 6.03
C LEU A 116 -1.95 -3.38 5.53
N SER A 117 -1.53 -2.34 6.23
CA SER A 117 -1.89 -0.99 5.86
C SER A 117 -0.98 -0.47 4.75
N LEU A 118 -1.59 -0.01 3.67
CA LEU A 118 -0.85 0.52 2.53
C LEU A 118 -0.69 2.02 2.69
N SER A 119 -0.17 2.68 1.65
CA SER A 119 0.03 4.13 1.68
C SER A 119 -1.30 4.90 1.66
N LYS A 120 -2.40 4.16 1.54
CA LYS A 120 -3.73 4.74 1.52
C LYS A 120 -4.67 3.84 2.31
N GLN A 121 -5.49 4.45 3.14
CA GLN A 121 -6.43 3.72 3.99
C GLN A 121 -7.40 2.84 3.19
N HIS A 122 -7.75 3.28 1.99
CA HIS A 122 -8.68 2.51 1.16
C HIS A 122 -7.94 1.62 0.17
N TYR A 123 -6.66 1.42 0.40
CA TYR A 123 -5.83 0.59 -0.46
C TYR A 123 -5.12 -0.50 0.33
N GLY A 124 -5.55 -0.69 1.57
CA GLY A 124 -4.94 -1.69 2.43
C GLY A 124 -5.35 -3.10 2.04
N ILE A 125 -4.44 -4.04 2.24
CA ILE A 125 -4.71 -5.43 1.91
C ILE A 125 -4.89 -6.25 3.19
N HIS A 126 -5.73 -7.27 3.13
CA HIS A 126 -5.99 -8.11 4.29
C HIS A 126 -6.76 -9.36 3.89
N GLY A 127 -6.95 -10.27 4.83
CA GLY A 127 -7.68 -11.50 4.55
C GLY A 127 -9.18 -11.31 4.67
N THR A 128 -9.90 -12.38 4.93
CA THR A 128 -11.34 -12.33 5.08
C THR A 128 -11.89 -13.60 5.73
N ASN A 129 -13.20 -13.64 5.93
CA ASN A 129 -13.84 -14.80 6.53
C ASN A 129 -14.60 -15.61 5.48
N ASN A 130 -14.66 -15.08 4.26
CA ASN A 130 -15.35 -15.75 3.16
C ASN A 130 -14.41 -15.91 1.98
N PRO A 131 -13.87 -17.13 1.77
CA PRO A 131 -12.94 -17.42 0.67
C PRO A 131 -13.49 -17.10 -0.71
N ALA A 132 -14.80 -17.20 -0.86
CA ALA A 132 -15.47 -16.94 -2.14
C ALA A 132 -15.46 -15.45 -2.48
N SER A 133 -15.05 -14.63 -1.52
CA SER A 133 -14.98 -13.20 -1.72
C SER A 133 -13.66 -12.82 -2.37
N ILE A 134 -12.75 -13.78 -2.46
CA ILE A 134 -11.44 -13.56 -3.04
C ILE A 134 -11.42 -14.00 -4.50
N GLY A 135 -10.88 -13.16 -5.37
CA GLY A 135 -10.79 -13.48 -6.78
C GLY A 135 -11.82 -12.74 -7.59
N LYS A 136 -12.63 -11.92 -6.93
CA LYS A 136 -13.66 -11.15 -7.59
C LYS A 136 -13.52 -9.67 -7.28
N ALA A 137 -14.41 -8.86 -7.82
CA ALA A 137 -14.38 -7.42 -7.59
C ALA A 137 -15.49 -7.00 -6.64
N VAL A 138 -15.14 -6.16 -5.69
CA VAL A 138 -16.08 -5.67 -4.69
C VAL A 138 -16.35 -4.18 -4.94
N SER A 139 -17.46 -3.65 -4.42
CA SER A 139 -17.82 -2.27 -4.60
C SER A 139 -16.83 -1.30 -3.92
N LYS A 140 -17.01 -1.11 -2.62
CA LYS A 140 -16.17 -0.20 -1.87
C LYS A 140 -15.19 -0.95 -0.97
N GLY A 141 -15.05 -2.24 -1.20
CA GLY A 141 -14.14 -3.04 -0.40
C GLY A 141 -12.69 -2.86 -0.80
N CYS A 142 -11.79 -3.11 0.15
CA CYS A 142 -10.37 -2.98 -0.10
C CYS A 142 -9.84 -4.30 -0.67
N ILE A 143 -8.54 -4.35 -0.94
CA ILE A 143 -7.94 -5.56 -1.49
C ILE A 143 -7.98 -6.69 -0.46
N ARG A 144 -8.67 -7.76 -0.82
CA ARG A 144 -8.81 -8.90 0.05
C ARG A 144 -8.02 -10.10 -0.49
N MET A 145 -7.35 -10.79 0.41
CA MET A 145 -6.56 -11.97 0.06
C MET A 145 -7.03 -13.14 0.90
N HIS A 146 -6.48 -14.32 0.67
CA HIS A 146 -6.86 -15.49 1.44
C HIS A 146 -6.21 -15.44 2.82
N ASN A 147 -6.75 -16.22 3.74
CA ASN A 147 -6.23 -16.26 5.11
C ASN A 147 -4.77 -16.69 5.13
N LYS A 148 -4.41 -17.65 4.29
CA LYS A 148 -3.04 -18.12 4.21
C LYS A 148 -2.18 -17.16 3.40
N ASP A 149 -2.78 -16.55 2.38
CA ASP A 149 -2.06 -15.63 1.51
C ASP A 149 -1.53 -14.42 2.29
N VAL A 150 -2.41 -13.81 3.07
CA VAL A 150 -2.03 -12.63 3.84
C VAL A 150 -0.98 -12.96 4.91
N ILE A 151 -1.07 -14.14 5.52
CA ILE A 151 -0.12 -14.54 6.54
C ILE A 151 1.23 -14.91 5.94
N GLU A 152 1.22 -15.54 4.76
CA GLU A 152 2.44 -15.94 4.09
C GLU A 152 3.17 -14.73 3.55
N LEU A 153 2.43 -13.86 2.85
CA LEU A 153 2.99 -12.65 2.28
C LEU A 153 3.59 -11.77 3.36
N ALA A 154 2.86 -11.61 4.46
CA ALA A 154 3.32 -10.79 5.59
C ALA A 154 4.63 -11.31 6.18
N SER A 155 4.88 -12.59 6.04
CA SER A 155 6.09 -13.20 6.58
C SER A 155 7.25 -13.03 5.59
N ILE A 156 6.94 -13.12 4.31
CA ILE A 156 7.93 -13.00 3.26
C ILE A 156 8.32 -11.53 3.03
N VAL A 157 7.32 -10.68 2.84
CA VAL A 157 7.58 -9.27 2.60
C VAL A 157 7.45 -8.45 3.89
N PRO A 158 8.45 -7.60 4.16
CA PRO A 158 8.46 -6.75 5.34
C PRO A 158 7.76 -5.42 5.07
N ASN A 159 8.09 -4.41 5.85
CA ASN A 159 7.51 -3.09 5.68
C ASN A 159 8.25 -2.32 4.61
N GLY A 160 7.53 -1.49 3.88
CA GLY A 160 8.15 -0.72 2.80
C GLY A 160 8.08 -1.43 1.47
N THR A 161 7.52 -2.65 1.48
CA THR A 161 7.40 -3.44 0.26
C THR A 161 6.56 -2.71 -0.79
N ARG A 162 7.07 -2.69 -2.01
CA ARG A 162 6.41 -1.99 -3.10
C ARG A 162 5.31 -2.80 -3.78
N VAL A 163 4.12 -2.20 -3.83
CA VAL A 163 2.95 -2.81 -4.45
C VAL A 163 2.51 -1.94 -5.63
N THR A 164 2.71 -2.44 -6.83
CA THR A 164 2.35 -1.71 -8.04
C THR A 164 0.99 -2.17 -8.55
N ILE A 165 0.00 -1.28 -8.50
CA ILE A 165 -1.34 -1.61 -8.97
C ILE A 165 -1.51 -1.18 -10.43
N ASN A 166 -1.19 -2.09 -11.32
CA ASN A 166 -1.27 -1.83 -12.75
C ASN A 166 -2.68 -2.15 -13.26
N ARG A 167 -3.21 -1.28 -14.12
CA ARG A 167 -4.54 -1.48 -14.69
C ARG A 167 -4.60 -2.80 -15.45
N GLY A 168 -3.55 -3.09 -16.22
CA GLY A 168 -3.50 -4.33 -16.99
C GLY A 168 -4.26 -4.24 -18.30
N SER A 169 -5.54 -3.92 -18.20
CA SER A 169 -6.38 -3.79 -19.39
C SER A 169 -6.44 -2.34 -19.86
N ALA B 1 19.80 8.10 -8.49
CA ALA B 1 19.22 9.21 -9.26
C ALA B 1 19.95 9.35 -10.60
N ALA C 1 12.07 2.70 -13.20
CA ALA C 1 11.38 2.22 -14.40
C ALA C 1 11.33 0.69 -14.39
N ALA D 1 0.99 8.02 -15.40
CA ALA D 1 1.79 7.03 -16.13
C ALA D 1 1.56 7.18 -17.64
N ALA E 1 -6.46 18.66 -4.92
CA ALA E 1 -7.77 19.31 -5.13
C ALA E 1 -8.24 19.96 -3.84
N ALA F 1 -10.91 8.49 3.40
CA ALA F 1 -11.98 7.49 3.30
C ALA F 1 -12.29 6.93 4.68
N ALA G 1 -14.97 14.15 13.62
CA ALA G 1 -14.96 14.77 14.96
C ALA G 1 -13.59 14.53 15.61
N GLY A 1 23.80 7.62 1.80
CA GLY A 1 22.75 8.26 2.62
C GLY A 1 21.67 7.27 2.99
N ARG A 2 21.00 7.52 4.11
CA ARG A 2 19.93 6.64 4.57
C ARG A 2 18.74 6.71 3.62
N LYS A 3 18.64 5.73 2.76
CA LYS A 3 17.56 5.69 1.78
C LYS A 3 16.31 5.07 2.40
N LEU A 4 15.34 5.91 2.69
CA LEU A 4 14.08 5.45 3.28
C LEU A 4 12.96 5.53 2.27
N LEU A 5 11.78 5.09 2.66
CA LEU A 5 10.61 5.10 1.79
C LEU A 5 10.28 6.53 1.36
N THR A 6 10.08 6.71 0.07
CA THR A 6 9.75 8.01 -0.49
C THR A 6 8.41 7.97 -1.21
N TYR A 7 7.64 9.03 -1.07
CA TYR A 7 6.34 9.15 -1.71
C TYR A 7 6.28 10.47 -2.46
N GLN A 8 5.17 10.75 -3.13
CA GLN A 8 5.02 11.98 -3.88
C GLN A 8 3.64 12.60 -3.70
N VAL A 9 3.61 13.91 -3.52
CA VAL A 9 2.37 14.65 -3.36
C VAL A 9 1.74 14.87 -4.74
N LYS A 10 0.42 14.85 -4.81
CA LYS A 10 -0.28 15.04 -6.07
C LYS A 10 -0.67 16.50 -6.29
N GLN A 11 -1.77 16.90 -5.68
CA GLN A 11 -2.29 18.27 -5.80
C GLN A 11 -3.49 18.45 -4.88
N GLY A 12 -3.53 19.60 -4.21
CA GLY A 12 -4.62 19.90 -3.30
C GLY A 12 -4.79 18.87 -2.21
N ASP A 13 -3.70 18.23 -1.83
CA ASP A 13 -3.72 17.21 -0.80
C ASP A 13 -3.57 17.86 0.58
N THR A 14 -4.42 17.47 1.51
CA THR A 14 -4.37 18.00 2.85
C THR A 14 -3.37 17.23 3.71
N LEU A 15 -2.67 17.94 4.58
CA LEU A 15 -1.67 17.33 5.46
C LEU A 15 -2.28 16.20 6.28
N ASN A 16 -3.44 16.47 6.86
CA ASN A 16 -4.13 15.46 7.68
C ASN A 16 -4.51 14.24 6.86
N SER A 17 -4.86 14.46 5.60
CA SER A 17 -5.24 13.38 4.71
C SER A 17 -4.03 12.50 4.40
N ILE A 18 -2.89 13.14 4.13
CA ILE A 18 -1.67 12.41 3.84
C ILE A 18 -1.27 11.58 5.05
N ALA A 19 -1.40 12.19 6.23
CA ALA A 19 -1.08 11.52 7.48
C ALA A 19 -2.02 10.34 7.73
N ALA A 20 -3.30 10.54 7.42
CA ALA A 20 -4.29 9.49 7.60
C ALA A 20 -4.07 8.34 6.62
N ASP A 21 -3.75 8.68 5.38
CA ASP A 21 -3.50 7.67 4.35
C ASP A 21 -2.30 6.82 4.73
N PHE A 22 -1.31 7.45 5.35
CA PHE A 22 -0.11 6.75 5.78
C PHE A 22 -0.24 6.22 7.20
N ARG A 23 -1.35 6.54 7.86
CA ARG A 23 -1.60 6.11 9.24
C ARG A 23 -0.48 6.56 10.18
N ILE A 24 0.14 7.69 9.85
CA ILE A 24 1.23 8.21 10.66
C ILE A 24 0.85 9.50 11.38
N SER A 25 1.72 9.92 12.28
CA SER A 25 1.50 11.13 13.05
C SER A 25 1.80 12.36 12.21
N THR A 26 0.99 13.40 12.39
CA THR A 26 1.16 14.65 11.65
C THR A 26 2.50 15.31 12.00
N ALA A 27 2.84 15.29 13.29
CA ALA A 27 4.09 15.89 13.76
C ALA A 27 5.29 15.14 13.19
N ALA A 28 5.13 13.84 12.99
CA ALA A 28 6.19 13.02 12.45
C ALA A 28 6.47 13.38 11.00
N LEU A 29 5.43 13.81 10.30
CA LEU A 29 5.54 14.22 8.91
C LEU A 29 6.28 15.54 8.80
N LEU A 30 5.98 16.45 9.72
CA LEU A 30 6.60 17.77 9.75
C LEU A 30 8.05 17.67 10.18
N GLN A 31 8.35 16.67 11.00
CA GLN A 31 9.70 16.44 11.49
C GLN A 31 10.63 16.08 10.34
N ALA A 32 10.15 15.24 9.44
CA ALA A 32 10.94 14.80 8.30
C ALA A 32 10.81 15.80 7.14
N ASN A 33 9.60 16.33 6.97
CA ASN A 33 9.34 17.29 5.90
C ASN A 33 8.81 18.59 6.48
N PRO A 34 9.71 19.55 6.79
CA PRO A 34 9.34 20.83 7.39
C PRO A 34 8.61 21.76 6.41
N SER A 35 8.64 21.41 5.13
CA SER A 35 7.99 22.22 4.10
C SER A 35 6.47 22.00 4.11
N LEU A 36 6.03 20.88 4.65
CA LEU A 36 4.61 20.54 4.70
C LEU A 36 3.78 21.57 5.48
N GLN A 37 4.34 22.07 6.57
CA GLN A 37 3.66 23.06 7.40
C GLN A 37 3.54 24.41 6.68
N ALA A 38 4.40 24.62 5.70
CA ALA A 38 4.40 25.85 4.94
C ALA A 38 3.43 25.75 3.77
N GLY A 39 3.55 24.67 3.00
CA GLY A 39 2.68 24.46 1.87
C GLY A 39 2.96 23.14 1.18
N LEU A 40 2.03 22.70 0.33
CA LEU A 40 2.20 21.45 -0.40
C LEU A 40 2.78 21.71 -1.78
N THR A 41 3.61 20.80 -2.25
CA THR A 41 4.25 20.94 -3.56
C THR A 41 3.93 19.72 -4.44
N ALA A 42 3.50 19.98 -5.67
CA ALA A 42 3.18 18.92 -6.60
C ALA A 42 4.44 18.29 -7.16
N GLY A 43 4.60 17.00 -6.94
CA GLY A 43 5.77 16.30 -7.41
C GLY A 43 6.90 16.37 -6.40
N GLN A 44 6.54 16.49 -5.13
CA GLN A 44 7.53 16.57 -4.06
C GLN A 44 7.92 15.18 -3.60
N SER A 45 9.16 15.03 -3.13
CA SER A 45 9.65 13.75 -2.65
C SER A 45 9.63 13.74 -1.12
N ILE A 46 8.62 13.09 -0.56
CA ILE A 46 8.49 13.02 0.89
C ILE A 46 9.04 11.72 1.44
N VAL A 47 9.78 11.81 2.53
CA VAL A 47 10.39 10.65 3.17
C VAL A 47 9.62 10.26 4.43
N ILE A 48 9.46 8.96 4.65
CA ILE A 48 8.75 8.46 5.82
C ILE A 48 9.73 7.89 6.84
N PRO A 49 9.82 8.51 8.02
CA PRO A 49 10.74 8.08 9.07
C PRO A 49 10.33 6.75 9.72
N GLY A 50 11.08 5.70 9.41
CA GLY A 50 10.80 4.39 9.98
C GLY A 50 10.59 3.32 8.93
N LEU A 51 10.48 3.74 7.67
CA LEU A 51 10.27 2.80 6.59
C LEU A 51 11.46 2.81 5.64
N PRO A 52 12.00 1.62 5.31
CA PRO A 52 13.15 1.49 4.41
C PRO A 52 12.76 1.72 2.96
N ASP A 53 13.77 1.83 2.10
CA ASP A 53 13.58 2.05 0.67
C ASP A 53 12.75 0.93 0.04
N PRO A 54 11.70 1.30 -0.72
CA PRO A 54 10.78 0.33 -1.37
C PRO A 54 11.40 -0.54 -2.47
N TYR A 55 12.52 -0.13 -3.03
CA TYR A 55 13.14 -0.93 -4.09
C TYR A 55 14.31 -1.76 -3.59
N THR A 56 14.68 -1.55 -2.34
CA THR A 56 15.75 -2.30 -1.73
C THR A 56 15.23 -3.69 -1.35
N ILE A 57 13.91 -3.82 -1.41
CA ILE A 57 13.23 -5.08 -1.11
C ILE A 57 13.25 -5.96 -2.36
N PRO A 58 13.73 -7.21 -2.23
CA PRO A 58 13.82 -8.17 -3.34
C PRO A 58 12.45 -8.72 -3.76
N TYR A 59 11.39 -8.22 -3.15
CA TYR A 59 10.05 -8.67 -3.45
C TYR A 59 9.29 -7.63 -4.28
N HIS A 60 8.94 -7.99 -5.49
CA HIS A 60 8.20 -7.09 -6.37
C HIS A 60 6.81 -7.66 -6.63
N ILE A 61 5.79 -6.92 -6.21
CA ILE A 61 4.43 -7.37 -6.42
C ILE A 61 3.82 -6.68 -7.64
N ALA A 62 3.17 -7.47 -8.49
CA ALA A 62 2.53 -6.95 -9.69
C ALA A 62 1.06 -7.34 -9.70
N VAL A 63 0.19 -6.34 -9.63
CA VAL A 63 -1.24 -6.58 -9.63
C VAL A 63 -1.87 -6.04 -10.89
N SER A 64 -2.59 -6.89 -11.62
CA SER A 64 -3.25 -6.49 -12.84
C SER A 64 -4.77 -6.45 -12.64
N ILE A 65 -5.36 -5.27 -12.86
CA ILE A 65 -6.79 -5.07 -12.68
C ILE A 65 -7.63 -6.09 -13.44
N GLY A 66 -7.35 -6.25 -14.73
CA GLY A 66 -8.11 -7.20 -15.55
C GLY A 66 -7.71 -8.65 -15.32
N ALA A 67 -7.06 -8.92 -14.20
CA ALA A 67 -6.63 -10.28 -13.88
C ALA A 67 -7.08 -10.68 -12.47
N LYS A 68 -7.04 -9.71 -11.54
CA LYS A 68 -7.44 -9.92 -10.15
C LYS A 68 -6.46 -10.84 -9.42
N THR A 69 -5.31 -11.07 -10.02
CA THR A 69 -4.32 -11.94 -9.42
C THR A 69 -3.10 -11.16 -8.94
N LEU A 70 -2.64 -11.48 -7.74
CA LEU A 70 -1.47 -10.85 -7.15
C LEU A 70 -0.22 -11.64 -7.53
N THR A 71 0.62 -11.04 -8.35
CA THR A 71 1.85 -11.69 -8.79
C THR A 71 3.02 -11.30 -7.90
N LEU A 72 3.46 -12.22 -7.06
CA LEU A 72 4.58 -11.98 -6.17
C LEU A 72 5.87 -12.49 -6.81
N SER A 73 6.72 -11.56 -7.23
CA SER A 73 7.97 -11.95 -7.87
C SER A 73 9.18 -11.67 -6.96
N LEU A 74 9.98 -12.70 -6.75
CA LEU A 74 11.18 -12.58 -5.95
C LEU A 74 12.33 -12.35 -6.90
N ASN A 75 13.08 -11.27 -6.68
CA ASN A 75 14.22 -10.90 -7.53
C ASN A 75 13.84 -10.85 -9.01
N ASN A 76 12.61 -10.40 -9.27
CA ASN A 76 12.06 -10.27 -10.63
C ASN A 76 11.51 -11.59 -11.18
N ARG A 77 11.63 -12.66 -10.41
CA ARG A 77 11.12 -13.96 -10.83
C ARG A 77 9.87 -14.33 -10.04
N VAL A 78 8.76 -14.51 -10.75
CA VAL A 78 7.49 -14.85 -10.11
C VAL A 78 7.62 -16.10 -9.25
N MET A 79 7.23 -15.96 -7.99
CA MET A 79 7.29 -17.06 -7.04
C MET A 79 5.91 -17.70 -6.89
N LYS A 80 4.89 -16.85 -6.72
CA LYS A 80 3.52 -17.33 -6.57
C LYS A 80 2.53 -16.29 -7.06
N THR A 81 1.29 -16.71 -7.23
CA THR A 81 0.23 -15.84 -7.68
C THR A 81 -1.07 -16.18 -6.93
N TYR A 82 -1.51 -15.26 -6.08
CA TYR A 82 -2.72 -15.48 -5.30
C TYR A 82 -3.86 -14.59 -5.79
N PRO A 83 -5.10 -15.12 -5.80
CA PRO A 83 -6.27 -14.37 -6.23
C PRO A 83 -6.72 -13.40 -5.14
N ILE A 84 -6.81 -12.12 -5.46
CA ILE A 84 -7.20 -11.12 -4.49
C ILE A 84 -8.52 -10.45 -4.87
N ALA A 85 -9.11 -9.73 -3.92
CA ALA A 85 -10.35 -9.02 -4.16
C ALA A 85 -10.07 -7.53 -4.31
N VAL A 86 -10.43 -6.98 -5.47
CA VAL A 86 -10.20 -5.56 -5.72
C VAL A 86 -11.51 -4.79 -5.71
N GLY A 87 -11.44 -3.53 -5.30
CA GLY A 87 -12.64 -2.71 -5.24
C GLY A 87 -12.70 -1.72 -6.38
N LYS A 88 -13.80 -0.99 -6.47
CA LYS A 88 -13.97 0.01 -7.53
C LYS A 88 -12.96 1.14 -7.38
N ILE A 89 -12.50 1.34 -6.15
CA ILE A 89 -11.53 2.38 -5.83
C ILE A 89 -10.18 2.05 -6.47
N LEU A 90 -9.97 0.78 -6.81
CA LEU A 90 -8.73 0.32 -7.42
C LEU A 90 -8.70 0.70 -8.90
N THR A 91 -9.88 0.76 -9.51
CA THR A 91 -10.00 1.09 -10.93
C THR A 91 -10.00 2.60 -11.17
N GLN A 92 -9.66 3.38 -10.15
CA GLN A 92 -9.64 4.83 -10.28
C GLN A 92 -8.24 5.33 -10.62
N THR A 93 -7.27 4.42 -10.53
CA THR A 93 -5.89 4.77 -10.82
C THR A 93 -5.34 3.90 -11.94
N PRO A 94 -4.68 4.50 -12.95
CA PRO A 94 -4.08 3.75 -14.06
C PRO A 94 -2.91 2.92 -13.54
N THR A 95 -2.18 3.52 -12.61
CA THR A 95 -1.03 2.90 -11.97
C THR A 95 -0.35 3.95 -11.07
N GLY A 96 0.47 3.50 -10.15
CA GLY A 96 1.15 4.42 -9.26
C GLY A 96 2.07 3.71 -8.30
N GLU A 97 2.73 4.49 -7.45
CA GLU A 97 3.67 3.95 -6.48
C GLU A 97 2.96 3.59 -5.16
N PHE A 98 2.53 2.35 -5.04
CA PHE A 98 1.87 1.88 -3.83
C PHE A 98 2.74 0.84 -3.13
N TYR A 99 3.00 1.04 -1.84
CA TYR A 99 3.82 0.10 -1.08
C TYR A 99 3.25 -0.15 0.31
N ILE A 100 3.61 -1.29 0.90
CA ILE A 100 3.15 -1.64 2.23
C ILE A 100 3.90 -0.80 3.25
N ILE A 101 3.17 -0.09 4.09
CA ILE A 101 3.78 0.77 5.08
C ILE A 101 3.83 0.16 6.48
N ASN A 102 2.82 -0.63 6.82
CA ASN A 102 2.77 -1.24 8.14
C ASN A 102 2.07 -2.59 8.09
N ARG A 103 2.35 -3.42 9.10
CA ARG A 103 1.75 -4.75 9.21
C ARG A 103 1.19 -4.97 10.60
N GLN A 104 -0.12 -4.86 10.74
CA GLN A 104 -0.79 -5.05 12.03
C GLN A 104 -1.07 -6.53 12.24
N ARG A 105 -0.62 -7.08 13.36
CA ARG A 105 -0.83 -8.49 13.66
C ARG A 105 -1.92 -8.71 14.69
N ASN A 106 -2.85 -9.61 14.35
CA ASN A 106 -3.97 -9.99 15.22
C ASN A 106 -4.70 -8.81 15.83
N PRO A 107 -5.58 -8.15 15.06
CA PRO A 107 -6.36 -7.01 15.54
C PRO A 107 -7.56 -7.48 16.39
N GLY A 108 -7.72 -8.79 16.50
CA GLY A 108 -8.82 -9.36 17.26
C GLY A 108 -10.17 -9.14 16.60
N GLY A 109 -10.21 -9.35 15.29
CA GLY A 109 -11.45 -9.15 14.56
C GLY A 109 -11.47 -9.98 13.28
N PRO A 110 -12.56 -9.89 12.50
CA PRO A 110 -12.72 -10.64 11.24
C PRO A 110 -11.94 -10.00 10.09
N PHE A 111 -10.69 -9.67 10.36
CA PHE A 111 -9.84 -9.03 9.36
C PHE A 111 -8.74 -9.98 8.89
N GLY A 112 -8.91 -11.26 9.19
CA GLY A 112 -7.92 -12.26 8.78
C GLY A 112 -6.76 -12.37 9.74
N ALA A 113 -6.86 -11.65 10.86
CA ALA A 113 -5.82 -11.64 11.90
C ALA A 113 -4.56 -10.90 11.45
N TYR A 114 -4.65 -10.20 10.32
CA TYR A 114 -3.52 -9.45 9.80
C TYR A 114 -4.01 -8.27 8.95
N TRP A 115 -3.38 -7.12 9.13
CA TRP A 115 -3.75 -5.92 8.39
C TRP A 115 -2.52 -5.26 7.77
N LEU A 116 -2.40 -5.39 6.46
CA LEU A 116 -1.29 -4.80 5.73
C LEU A 116 -1.66 -3.39 5.28
N SER A 117 -1.17 -2.40 6.00
CA SER A 117 -1.45 -1.02 5.68
C SER A 117 -0.65 -0.58 4.45
N LEU A 118 -1.36 -0.10 3.43
CA LEU A 118 -0.74 0.37 2.21
C LEU A 118 -0.58 1.88 2.25
N SER A 119 -0.01 2.46 1.20
CA SER A 119 0.20 3.90 1.13
C SER A 119 -1.10 4.66 0.89
N LYS A 120 -2.21 3.94 0.90
CA LYS A 120 -3.52 4.54 0.71
C LYS A 120 -4.55 3.85 1.58
N GLN A 121 -5.51 4.64 2.08
CA GLN A 121 -6.57 4.15 2.96
C GLN A 121 -7.27 2.90 2.42
N HIS A 122 -8.09 3.08 1.40
CA HIS A 122 -8.87 1.99 0.80
C HIS A 122 -8.02 1.00 0.00
N TYR A 123 -6.73 1.22 -0.06
CA TYR A 123 -5.84 0.33 -0.80
C TYR A 123 -5.16 -0.64 0.16
N GLY A 124 -5.65 -0.69 1.40
CA GLY A 124 -5.10 -1.59 2.39
C GLY A 124 -5.47 -3.05 2.15
N ILE A 125 -4.50 -3.93 2.33
CA ILE A 125 -4.71 -5.36 2.12
C ILE A 125 -4.94 -6.07 3.45
N HIS A 126 -5.97 -6.90 3.51
CA HIS A 126 -6.28 -7.64 4.72
C HIS A 126 -7.21 -8.81 4.42
N GLY A 127 -7.37 -9.70 5.39
CA GLY A 127 -8.23 -10.83 5.22
C GLY A 127 -9.67 -10.51 5.61
N THR A 128 -10.48 -11.54 5.79
CA THR A 128 -11.87 -11.36 6.17
C THR A 128 -12.45 -12.69 6.67
N ASN A 129 -13.72 -12.67 7.04
CA ASN A 129 -14.38 -13.86 7.54
C ASN A 129 -15.21 -14.52 6.44
N ASN A 130 -15.19 -13.94 5.26
CA ASN A 130 -15.93 -14.47 4.12
C ASN A 130 -14.98 -14.80 2.98
N PRO A 131 -14.57 -16.07 2.86
CA PRO A 131 -13.65 -16.52 1.81
C PRO A 131 -14.25 -16.42 0.41
N ALA A 132 -15.57 -16.31 0.35
CA ALA A 132 -16.28 -16.20 -0.93
C ALA A 132 -16.13 -14.80 -1.52
N SER A 133 -15.66 -13.87 -0.71
CA SER A 133 -15.47 -12.50 -1.14
C SER A 133 -14.08 -12.30 -1.75
N ILE A 134 -13.30 -13.37 -1.77
CA ILE A 134 -11.95 -13.31 -2.31
C ILE A 134 -11.92 -13.81 -3.75
N GLY A 135 -11.11 -13.15 -4.58
CA GLY A 135 -10.99 -13.54 -5.97
C GLY A 135 -12.05 -12.93 -6.86
N LYS A 136 -12.55 -11.76 -6.47
CA LYS A 136 -13.57 -11.07 -7.24
C LYS A 136 -13.53 -9.57 -7.00
N ALA A 137 -14.32 -8.83 -7.74
CA ALA A 137 -14.36 -7.38 -7.59
C ALA A 137 -15.46 -6.96 -6.64
N VAL A 138 -15.07 -6.25 -5.58
CA VAL A 138 -16.01 -5.76 -4.58
C VAL A 138 -16.38 -4.31 -4.88
N SER A 139 -17.49 -3.84 -4.34
CA SER A 139 -17.94 -2.47 -4.57
C SER A 139 -17.08 -1.44 -3.82
N LYS A 140 -17.41 -1.23 -2.55
CA LYS A 140 -16.69 -0.26 -1.72
C LYS A 140 -15.80 -0.97 -0.71
N GLY A 141 -15.30 -2.13 -1.08
CA GLY A 141 -14.42 -2.87 -0.20
C GLY A 141 -12.97 -2.64 -0.51
N CYS A 142 -12.12 -2.94 0.45
CA CYS A 142 -10.69 -2.79 0.28
C CYS A 142 -10.10 -4.09 -0.25
N ILE A 143 -8.79 -4.15 -0.42
CA ILE A 143 -8.14 -5.36 -0.93
C ILE A 143 -8.28 -6.49 0.09
N ARG A 144 -8.94 -7.57 -0.32
CA ARG A 144 -9.16 -8.70 0.56
C ARG A 144 -8.44 -9.95 0.05
N MET A 145 -7.82 -10.67 0.98
CA MET A 145 -7.10 -11.89 0.68
C MET A 145 -7.57 -13.00 1.60
N HIS A 146 -7.09 -14.22 1.39
CA HIS A 146 -7.48 -15.34 2.23
C HIS A 146 -6.80 -15.26 3.59
N ASN A 147 -7.27 -16.07 4.53
CA ASN A 147 -6.71 -16.09 5.87
C ASN A 147 -5.23 -16.48 5.84
N LYS A 148 -4.91 -17.52 5.11
CA LYS A 148 -3.54 -17.98 5.01
C LYS A 148 -2.71 -17.07 4.10
N ASP A 149 -3.36 -16.55 3.07
CA ASP A 149 -2.71 -15.67 2.10
C ASP A 149 -2.16 -14.41 2.76
N VAL A 150 -2.98 -13.76 3.57
CA VAL A 150 -2.56 -12.54 4.25
C VAL A 150 -1.43 -12.83 5.25
N ILE A 151 -1.51 -13.98 5.91
CA ILE A 151 -0.48 -14.35 6.88
C ILE A 151 0.82 -14.69 6.17
N GLU A 152 0.72 -15.44 5.08
CA GLU A 152 1.90 -15.83 4.30
C GLU A 152 2.61 -14.61 3.76
N LEU A 153 1.85 -13.74 3.09
CA LEU A 153 2.41 -12.51 2.52
C LEU A 153 3.11 -11.68 3.59
N ALA A 154 2.45 -11.51 4.73
CA ALA A 154 2.99 -10.73 5.83
C ALA A 154 4.29 -11.32 6.38
N SER A 155 4.50 -12.61 6.15
CA SER A 155 5.71 -13.27 6.62
C SER A 155 6.81 -13.20 5.57
N ILE A 156 6.42 -13.42 4.32
CA ILE A 156 7.38 -13.41 3.21
C ILE A 156 7.89 -12.01 2.91
N VAL A 157 6.99 -11.04 2.84
CA VAL A 157 7.39 -9.67 2.54
C VAL A 157 7.34 -8.77 3.76
N PRO A 158 8.34 -7.88 3.91
CA PRO A 158 8.39 -6.94 5.02
C PRO A 158 7.80 -5.58 4.63
N ASN A 159 8.05 -4.57 5.46
CA ASN A 159 7.56 -3.23 5.19
C ASN A 159 8.39 -2.60 4.08
N GLY A 160 7.75 -1.81 3.24
CA GLY A 160 8.44 -1.16 2.15
C GLY A 160 8.17 -1.85 0.82
N THR A 161 7.71 -3.10 0.89
CA THR A 161 7.39 -3.88 -0.30
C THR A 161 6.35 -3.15 -1.14
N ARG A 162 6.72 -2.83 -2.37
CA ARG A 162 5.84 -2.12 -3.27
C ARG A 162 4.91 -3.03 -4.05
N VAL A 163 3.62 -2.76 -3.91
CA VAL A 163 2.58 -3.50 -4.60
C VAL A 163 2.20 -2.73 -5.85
N THR A 164 2.91 -3.02 -6.93
CA THR A 164 2.69 -2.32 -8.19
C THR A 164 1.34 -2.67 -8.81
N ILE A 165 0.37 -1.79 -8.60
CA ILE A 165 -0.96 -1.97 -9.16
C ILE A 165 -1.00 -1.31 -10.54
N ASN A 166 -1.35 -2.09 -11.55
CA ASN A 166 -1.39 -1.59 -12.91
C ASN A 166 -2.58 -2.18 -13.67
N ARG A 167 -3.02 -1.50 -14.71
CA ARG A 167 -4.13 -1.97 -15.53
C ARG A 167 -3.66 -3.03 -16.50
N GLY A 168 -2.35 -3.02 -16.77
CA GLY A 168 -1.78 -3.95 -17.71
C GLY A 168 -1.86 -3.41 -19.12
N SER A 169 -3.08 -3.06 -19.51
CA SER A 169 -3.35 -2.51 -20.84
C SER A 169 -4.64 -1.70 -20.79
N ALA B 1 20.73 13.32 0.44
CA ALA B 1 20.19 14.59 0.94
C ALA B 1 21.17 15.22 1.93
N ALA C 1 14.50 7.71 -8.27
CA ALA C 1 14.20 6.54 -9.11
C ALA C 1 14.40 5.26 -8.30
N ALA D 1 2.60 7.84 -12.29
CA ALA D 1 3.78 6.96 -12.19
C ALA D 1 3.37 5.53 -12.51
N ALA E 1 -9.18 17.71 -8.66
CA ALA E 1 -10.34 17.14 -9.34
C ALA E 1 -11.55 17.10 -8.40
N ALA F 1 -10.24 9.46 0.71
CA ALA F 1 -11.13 8.54 0.00
C ALA F 1 -11.29 7.25 0.78
N ALA G 1 -10.67 14.92 12.28
CA ALA G 1 -9.86 15.61 13.29
C ALA G 1 -8.42 15.12 13.24
N GLY A 1 24.16 8.08 6.36
CA GLY A 1 22.92 8.03 5.56
C GLY A 1 22.01 6.91 6.00
N ARG A 2 20.75 6.98 5.59
CA ARG A 2 19.77 5.97 5.97
C ARG A 2 18.70 5.87 4.89
N LYS A 3 18.63 4.73 4.23
CA LYS A 3 17.66 4.51 3.16
C LYS A 3 16.23 4.45 3.69
N LEU A 4 15.56 5.61 3.68
CA LEU A 4 14.19 5.72 4.12
C LEU A 4 13.28 5.96 2.92
N LEU A 5 12.05 5.44 2.99
CA LEU A 5 11.08 5.58 1.91
C LEU A 5 10.83 7.03 1.51
N THR A 6 10.50 7.24 0.24
CA THR A 6 10.24 8.58 -0.28
C THR A 6 8.91 8.63 -1.03
N TYR A 7 8.16 9.70 -0.80
CA TYR A 7 6.85 9.89 -1.42
C TYR A 7 6.78 11.28 -2.07
N GLN A 8 6.06 11.37 -3.19
CA GLN A 8 5.92 12.64 -3.90
C GLN A 8 4.61 13.34 -3.54
N VAL A 9 4.73 14.57 -3.04
CA VAL A 9 3.56 15.36 -2.66
C VAL A 9 2.74 15.74 -3.89
N LYS A 10 1.41 15.71 -3.76
CA LYS A 10 0.52 16.04 -4.87
C LYS A 10 0.29 17.55 -4.97
N GLN A 11 -0.39 17.96 -6.04
CA GLN A 11 -0.69 19.38 -6.25
C GLN A 11 -1.95 19.73 -5.45
N GLY A 12 -1.76 20.50 -4.38
CA GLY A 12 -2.88 20.87 -3.53
C GLY A 12 -3.08 19.85 -2.44
N ASP A 13 -2.01 19.10 -2.17
CA ASP A 13 -2.02 18.07 -1.16
C ASP A 13 -2.19 18.68 0.22
N THR A 14 -2.74 17.91 1.14
CA THR A 14 -2.95 18.39 2.48
C THR A 14 -2.07 17.63 3.47
N LEU A 15 -1.28 18.37 4.24
CA LEU A 15 -0.36 17.80 5.22
C LEU A 15 -1.05 16.77 6.11
N ASN A 16 -2.21 17.14 6.66
CA ASN A 16 -2.96 16.24 7.55
C ASN A 16 -3.40 14.97 6.82
N SER A 17 -3.84 15.12 5.58
CA SER A 17 -4.29 13.99 4.79
C SER A 17 -3.15 12.99 4.55
N ILE A 18 -1.95 13.52 4.31
CA ILE A 18 -0.78 12.68 4.07
C ILE A 18 -0.50 11.84 5.31
N ALA A 19 -0.54 12.47 6.46
CA ALA A 19 -0.29 11.80 7.73
C ALA A 19 -1.38 10.77 8.04
N ALA A 20 -2.62 11.12 7.69
CA ALA A 20 -3.76 10.24 7.94
C ALA A 20 -3.69 8.96 7.10
N ASP A 21 -3.42 9.12 5.81
CA ASP A 21 -3.33 7.96 4.91
C ASP A 21 -2.14 7.09 5.25
N PHE A 22 -1.05 7.72 5.66
CA PHE A 22 0.17 7.00 6.01
C PHE A 22 0.13 6.49 7.45
N ARG A 23 -0.97 6.81 8.14
CA ARG A 23 -1.19 6.38 9.53
C ARG A 23 -0.06 6.85 10.45
N ILE A 24 0.46 8.05 10.21
CA ILE A 24 1.54 8.61 11.01
C ILE A 24 1.14 9.98 11.56
N SER A 25 2.03 10.59 12.31
CA SER A 25 1.77 11.89 12.89
C SER A 25 2.23 13.02 11.97
N THR A 26 1.54 14.15 12.05
CA THR A 26 1.87 15.30 11.23
C THR A 26 3.18 15.91 11.69
N ALA A 27 3.43 15.87 13.00
CA ALA A 27 4.65 16.41 13.57
C ALA A 27 5.87 15.63 13.09
N ALA A 28 5.70 14.32 12.92
CA ALA A 28 6.77 13.45 12.46
C ALA A 28 7.13 13.79 11.02
N LEU A 29 6.12 14.11 10.22
CA LEU A 29 6.33 14.48 8.83
C LEU A 29 7.18 15.73 8.75
N LEU A 30 6.92 16.66 9.67
CA LEU A 30 7.65 17.92 9.71
C LEU A 30 9.04 17.74 10.31
N GLN A 31 9.21 16.67 11.07
CA GLN A 31 10.50 16.37 11.67
C GLN A 31 11.50 15.97 10.58
N ALA A 32 11.04 15.15 9.65
CA ALA A 32 11.87 14.69 8.55
C ALA A 32 11.88 15.72 7.42
N ASN A 33 10.74 16.35 7.19
CA ASN A 33 10.62 17.35 6.15
C ASN A 33 9.94 18.60 6.71
N PRO A 34 10.73 19.53 7.26
CA PRO A 34 10.21 20.77 7.86
C PRO A 34 9.58 21.72 6.84
N SER A 35 9.85 21.49 5.57
CA SER A 35 9.33 22.33 4.50
C SER A 35 7.81 22.23 4.40
N LEU A 36 7.27 21.10 4.81
CA LEU A 36 5.83 20.85 4.73
C LEU A 36 5.03 21.79 5.63
N GLN A 37 5.67 22.36 6.66
CA GLN A 37 4.98 23.27 7.56
C GLN A 37 4.99 24.70 7.03
N ALA A 38 5.66 24.88 5.90
CA ALA A 38 5.74 26.18 5.26
C ALA A 38 4.86 26.20 4.01
N GLY A 39 4.82 25.05 3.33
CA GLY A 39 4.01 24.92 2.14
C GLY A 39 4.19 23.57 1.48
N LEU A 40 3.16 23.10 0.81
CA LEU A 40 3.21 21.82 0.12
C LEU A 40 3.58 22.03 -1.34
N THR A 41 4.61 21.36 -1.80
CA THR A 41 5.06 21.50 -3.18
C THR A 41 4.78 20.24 -4.00
N ALA A 42 4.11 20.41 -5.13
CA ALA A 42 3.78 19.30 -6.01
C ALA A 42 5.03 18.70 -6.62
N GLY A 43 5.25 17.42 -6.36
CA GLY A 43 6.41 16.75 -6.89
C GLY A 43 7.57 16.73 -5.91
N GLN A 44 7.33 17.23 -4.71
CA GLN A 44 8.37 17.26 -3.69
C GLN A 44 8.59 15.86 -3.13
N SER A 45 9.84 15.43 -3.09
CA SER A 45 10.18 14.12 -2.58
C SER A 45 10.42 14.19 -1.07
N ILE A 46 9.54 13.57 -0.29
CA ILE A 46 9.68 13.58 1.16
C ILE A 46 9.92 12.18 1.69
N VAL A 47 10.66 12.09 2.79
CA VAL A 47 10.97 10.79 3.39
C VAL A 47 10.07 10.53 4.60
N ILE A 48 9.78 9.26 4.85
CA ILE A 48 8.94 8.86 5.97
C ILE A 48 9.78 8.25 7.09
N PRO A 49 9.76 8.87 8.28
CA PRO A 49 10.53 8.40 9.44
C PRO A 49 10.02 7.06 9.97
N GLY A 50 10.80 6.01 9.76
CA GLY A 50 10.42 4.71 10.22
C GLY A 50 10.12 3.75 9.09
N LEU A 51 9.91 4.30 7.90
CA LEU A 51 9.61 3.48 6.73
C LEU A 51 10.88 3.24 5.92
N PRO A 52 11.30 1.98 5.78
CA PRO A 52 12.51 1.63 5.04
C PRO A 52 12.34 1.81 3.53
N ASP A 53 13.46 1.91 2.85
CA ASP A 53 13.50 2.09 1.40
C ASP A 53 12.96 0.86 0.67
N PRO A 54 12.06 1.07 -0.32
CA PRO A 54 11.45 -0.01 -1.09
C PRO A 54 12.33 -0.49 -2.24
N TYR A 55 13.48 0.14 -2.42
CA TYR A 55 14.38 -0.25 -3.50
C TYR A 55 15.36 -1.33 -3.04
N THR A 56 15.55 -1.46 -1.74
CA THR A 56 16.43 -2.47 -1.19
C THR A 56 15.65 -3.75 -0.91
N ILE A 57 14.36 -3.71 -1.23
CA ILE A 57 13.48 -4.85 -1.04
C ILE A 57 13.57 -5.77 -2.26
N PRO A 58 13.99 -7.03 -2.06
CA PRO A 58 14.12 -7.99 -3.15
C PRO A 58 12.77 -8.62 -3.54
N TYR A 59 11.71 -8.08 -2.98
CA TYR A 59 10.37 -8.60 -3.26
C TYR A 59 9.56 -7.60 -4.08
N HIS A 60 9.18 -8.03 -5.28
CA HIS A 60 8.41 -7.21 -6.19
C HIS A 60 6.97 -7.70 -6.23
N ILE A 61 6.05 -6.82 -5.90
CA ILE A 61 4.63 -7.15 -5.93
C ILE A 61 3.92 -6.37 -7.03
N ALA A 62 3.32 -7.10 -7.96
CA ALA A 62 2.60 -6.49 -9.06
C ALA A 62 1.12 -6.86 -8.99
N VAL A 63 0.27 -5.87 -8.97
CA VAL A 63 -1.17 -6.11 -8.90
C VAL A 63 -1.84 -5.94 -10.26
N SER A 64 -2.25 -7.05 -10.86
CA SER A 64 -2.91 -7.00 -12.15
C SER A 64 -4.40 -6.71 -11.94
N ILE A 65 -4.77 -5.45 -12.14
CA ILE A 65 -6.16 -5.00 -11.94
C ILE A 65 -7.18 -5.84 -12.71
N GLY A 66 -6.96 -6.00 -14.01
CA GLY A 66 -7.88 -6.76 -14.83
C GLY A 66 -7.86 -8.26 -14.58
N ALA A 67 -6.87 -8.73 -13.84
CA ALA A 67 -6.75 -10.16 -13.55
C ALA A 67 -7.11 -10.48 -12.11
N LYS A 68 -6.97 -9.49 -11.23
CA LYS A 68 -7.25 -9.65 -9.80
C LYS A 68 -6.28 -10.64 -9.18
N THR A 69 -4.98 -10.37 -9.34
CA THR A 69 -3.95 -11.25 -8.81
C THR A 69 -2.76 -10.48 -8.26
N LEU A 70 -2.21 -11.00 -7.16
CA LEU A 70 -1.05 -10.40 -6.54
C LEU A 70 0.20 -11.18 -6.96
N THR A 71 0.98 -10.58 -7.83
CA THR A 71 2.19 -11.21 -8.33
C THR A 71 3.36 -11.01 -7.38
N LEU A 72 3.73 -12.08 -6.67
CA LEU A 72 4.83 -12.03 -5.73
C LEU A 72 6.10 -12.55 -6.40
N SER A 73 7.07 -11.67 -6.59
CA SER A 73 8.31 -12.05 -7.25
C SER A 73 9.55 -11.69 -6.44
N LEU A 74 10.56 -12.55 -6.51
CA LEU A 74 11.81 -12.32 -5.81
C LEU A 74 12.87 -11.93 -6.82
N ASN A 75 13.45 -10.74 -6.66
CA ASN A 75 14.48 -10.23 -7.59
C ASN A 75 13.88 -10.01 -8.98
N ASN A 76 12.54 -9.97 -9.01
CA ASN A 76 11.74 -9.79 -10.23
C ASN A 76 11.36 -11.12 -10.86
N ARG A 77 11.82 -12.20 -10.24
CA ARG A 77 11.51 -13.54 -10.70
C ARG A 77 10.22 -14.00 -10.02
N VAL A 78 9.18 -14.23 -10.82
CA VAL A 78 7.88 -14.63 -10.31
C VAL A 78 7.94 -15.94 -9.53
N MET A 79 7.40 -15.91 -8.31
CA MET A 79 7.37 -17.08 -7.46
C MET A 79 5.94 -17.61 -7.35
N LYS A 80 5.07 -16.79 -6.78
CA LYS A 80 3.69 -17.15 -6.59
C LYS A 80 2.77 -16.00 -7.01
N THR A 81 1.54 -16.33 -7.35
CA THR A 81 0.56 -15.35 -7.74
C THR A 81 -0.80 -15.71 -7.12
N TYR A 82 -1.14 -15.04 -6.03
CA TYR A 82 -2.38 -15.31 -5.32
C TYR A 82 -3.51 -14.40 -5.80
N PRO A 83 -4.73 -14.95 -5.91
CA PRO A 83 -5.91 -14.19 -6.33
C PRO A 83 -6.33 -13.20 -5.24
N ILE A 84 -6.58 -11.96 -5.61
CA ILE A 84 -6.97 -10.95 -4.65
C ILE A 84 -8.24 -10.22 -5.08
N ALA A 85 -8.95 -9.68 -4.11
CA ALA A 85 -10.17 -8.92 -4.37
C ALA A 85 -9.85 -7.43 -4.39
N VAL A 86 -10.18 -6.76 -5.48
CA VAL A 86 -9.90 -5.34 -5.62
C VAL A 86 -11.17 -4.51 -5.73
N GLY A 87 -11.09 -3.27 -5.29
CA GLY A 87 -12.24 -2.38 -5.36
C GLY A 87 -12.14 -1.44 -6.55
N LYS A 88 -13.23 -0.72 -6.84
CA LYS A 88 -13.25 0.21 -7.96
C LYS A 88 -12.19 1.30 -7.85
N ILE A 89 -11.76 1.60 -6.63
CA ILE A 89 -10.75 2.61 -6.40
C ILE A 89 -9.38 2.17 -6.96
N LEU A 90 -9.21 0.86 -7.14
CA LEU A 90 -7.98 0.31 -7.67
C LEU A 90 -7.81 0.74 -9.13
N THR A 91 -8.92 0.96 -9.80
CA THR A 91 -8.93 1.37 -11.19
C THR A 91 -8.77 2.88 -11.33
N GLN A 92 -8.72 3.60 -10.22
CA GLN A 92 -8.58 5.04 -10.25
C GLN A 92 -7.11 5.46 -10.37
N THR A 93 -6.22 4.57 -9.93
CA THR A 93 -4.80 4.84 -9.98
C THR A 93 -4.10 3.94 -11.00
N PRO A 94 -3.40 4.54 -11.98
CA PRO A 94 -2.68 3.80 -13.02
C PRO A 94 -1.39 3.15 -12.51
N THR A 95 -0.45 3.97 -12.04
CA THR A 95 0.83 3.47 -11.55
C THR A 95 0.68 2.81 -10.17
N GLY A 96 0.11 3.53 -9.23
CA GLY A 96 -0.11 3.00 -7.91
C GLY A 96 1.17 2.71 -7.13
N GLU A 97 1.90 3.76 -6.79
CA GLU A 97 3.13 3.59 -6.01
C GLU A 97 2.78 3.47 -4.53
N PHE A 98 2.35 2.29 -4.12
CA PHE A 98 1.99 2.05 -2.74
C PHE A 98 2.94 1.08 -2.07
N TYR A 99 3.19 1.30 -0.79
CA TYR A 99 4.08 0.45 -0.02
C TYR A 99 3.47 0.11 1.35
N ILE A 100 3.93 -0.98 1.94
CA ILE A 100 3.43 -1.40 3.25
C ILE A 100 4.00 -0.49 4.34
N ILE A 101 3.12 0.25 5.02
CA ILE A 101 3.55 1.19 6.05
C ILE A 101 3.44 0.60 7.46
N ASN A 102 2.46 -0.25 7.70
CA ASN A 102 2.28 -0.84 9.02
C ASN A 102 1.64 -2.20 8.93
N ARG A 103 1.81 -3.01 9.97
CA ARG A 103 1.25 -4.36 10.00
C ARG A 103 0.67 -4.67 11.37
N GLN A 104 -0.53 -5.24 11.37
CA GLN A 104 -1.21 -5.60 12.62
C GLN A 104 -1.55 -7.09 12.61
N ARG A 105 -1.06 -7.80 13.61
CA ARG A 105 -1.32 -9.23 13.72
C ARG A 105 -2.40 -9.53 14.76
N ASN A 106 -3.31 -10.42 14.40
CA ASN A 106 -4.41 -10.85 15.28
C ASN A 106 -5.26 -9.69 15.78
N PRO A 107 -6.27 -9.28 14.97
CA PRO A 107 -7.18 -8.20 15.32
C PRO A 107 -8.41 -8.69 16.09
N GLY A 108 -8.55 -10.01 16.20
CA GLY A 108 -9.69 -10.58 16.90
C GLY A 108 -10.92 -10.72 16.01
N GLY A 109 -11.28 -9.63 15.35
CA GLY A 109 -12.43 -9.65 14.46
C GLY A 109 -12.13 -10.37 13.15
N PRO A 110 -13.13 -10.50 12.27
CA PRO A 110 -12.97 -11.19 10.98
C PRO A 110 -12.25 -10.33 9.94
N PHE A 111 -11.12 -9.77 10.34
CA PHE A 111 -10.34 -8.91 9.45
C PHE A 111 -9.37 -9.74 8.60
N GLY A 112 -9.33 -11.04 8.86
CA GLY A 112 -8.45 -11.91 8.10
C GLY A 112 -7.22 -12.34 8.89
N ALA A 113 -7.30 -12.21 10.21
CA ALA A 113 -6.20 -12.58 11.12
C ALA A 113 -5.01 -11.62 11.05
N TYR A 114 -4.81 -10.99 9.91
CA TYR A 114 -3.72 -10.06 9.73
C TYR A 114 -4.21 -8.80 8.99
N TRP A 115 -3.67 -7.65 9.38
CA TRP A 115 -4.03 -6.39 8.79
C TRP A 115 -2.79 -5.72 8.20
N LEU A 116 -2.77 -5.56 6.88
CA LEU A 116 -1.65 -4.93 6.20
C LEU A 116 -2.01 -3.51 5.80
N SER A 117 -1.36 -2.54 6.42
CA SER A 117 -1.63 -1.13 6.13
C SER A 117 -0.75 -0.64 4.98
N LEU A 118 -1.38 -0.17 3.92
CA LEU A 118 -0.66 0.35 2.76
C LEU A 118 -0.55 1.87 2.86
N SER A 119 0.00 2.50 1.83
CA SER A 119 0.16 3.95 1.81
C SER A 119 -1.15 4.66 1.45
N LYS A 120 -2.26 4.02 1.78
CA LYS A 120 -3.59 4.55 1.51
C LYS A 120 -4.60 3.66 2.24
N GLN A 121 -5.44 4.26 3.06
CA GLN A 121 -6.41 3.51 3.85
C GLN A 121 -7.42 2.71 3.01
N HIS A 122 -7.57 3.07 1.73
CA HIS A 122 -8.51 2.37 0.87
C HIS A 122 -7.78 1.37 -0.04
N TYR A 123 -6.52 1.13 0.24
CA TYR A 123 -5.71 0.20 -0.51
C TYR A 123 -5.11 -0.83 0.43
N GLY A 124 -5.67 -0.91 1.63
CA GLY A 124 -5.17 -1.84 2.62
C GLY A 124 -5.49 -3.28 2.29
N ILE A 125 -4.53 -4.17 2.56
CA ILE A 125 -4.69 -5.58 2.28
C ILE A 125 -5.07 -6.32 3.56
N HIS A 126 -6.10 -7.15 3.47
CA HIS A 126 -6.57 -7.91 4.62
C HIS A 126 -7.43 -9.07 4.16
N GLY A 127 -7.88 -9.88 5.11
CA GLY A 127 -8.72 -11.01 4.77
C GLY A 127 -10.18 -10.72 5.05
N THR A 128 -10.99 -11.77 5.11
CA THR A 128 -12.40 -11.63 5.39
C THR A 128 -12.99 -13.00 5.76
N ASN A 129 -14.22 -13.00 6.25
CA ASN A 129 -14.87 -14.24 6.66
C ASN A 129 -15.52 -14.94 5.47
N ASN A 130 -15.50 -14.26 4.32
CA ASN A 130 -16.06 -14.82 3.11
C ASN A 130 -14.97 -15.06 2.06
N PRO A 131 -14.40 -16.27 2.02
CA PRO A 131 -13.33 -16.61 1.08
C PRO A 131 -13.80 -16.58 -0.37
N ALA A 132 -15.12 -16.67 -0.56
CA ALA A 132 -15.71 -16.66 -1.90
C ALA A 132 -15.63 -15.26 -2.52
N SER A 133 -15.29 -14.28 -1.69
CA SER A 133 -15.17 -12.91 -2.15
C SER A 133 -13.72 -12.59 -2.53
N ILE A 134 -12.85 -13.58 -2.44
CA ILE A 134 -11.44 -13.39 -2.77
C ILE A 134 -11.18 -13.79 -4.20
N GLY A 135 -10.72 -12.85 -5.01
CA GLY A 135 -10.42 -13.15 -6.40
C GLY A 135 -11.35 -12.43 -7.36
N LYS A 136 -12.36 -11.76 -6.80
CA LYS A 136 -13.31 -11.03 -7.62
C LYS A 136 -13.25 -9.54 -7.33
N ALA A 137 -13.93 -8.76 -8.13
CA ALA A 137 -13.96 -7.31 -7.97
C ALA A 137 -15.11 -6.87 -7.07
N VAL A 138 -14.82 -5.97 -6.15
CA VAL A 138 -15.83 -5.46 -5.24
C VAL A 138 -16.07 -3.97 -5.52
N SER A 139 -17.27 -3.50 -5.18
CA SER A 139 -17.66 -2.12 -5.40
C SER A 139 -16.69 -1.12 -4.77
N LYS A 140 -16.83 -0.90 -3.47
CA LYS A 140 -15.98 0.06 -2.77
C LYS A 140 -15.17 -0.61 -1.67
N GLY A 141 -14.89 -1.88 -1.84
CA GLY A 141 -14.10 -2.61 -0.86
C GLY A 141 -12.62 -2.40 -1.04
N CYS A 142 -11.82 -3.01 -0.18
CA CYS A 142 -10.37 -2.89 -0.26
C CYS A 142 -9.78 -4.22 -0.73
N ILE A 143 -8.45 -4.30 -0.78
CA ILE A 143 -7.78 -5.52 -1.22
C ILE A 143 -7.98 -6.64 -0.20
N ARG A 144 -8.57 -7.74 -0.66
CA ARG A 144 -8.85 -8.87 0.21
C ARG A 144 -8.08 -10.11 -0.25
N MET A 145 -7.53 -10.84 0.71
CA MET A 145 -6.78 -12.06 0.44
C MET A 145 -7.25 -13.16 1.40
N HIS A 146 -6.69 -14.35 1.27
CA HIS A 146 -7.07 -15.46 2.15
C HIS A 146 -6.28 -15.39 3.46
N ASN A 147 -6.78 -16.06 4.49
CA ASN A 147 -6.12 -16.07 5.80
C ASN A 147 -4.69 -16.59 5.69
N LYS A 148 -4.49 -17.69 4.98
CA LYS A 148 -3.17 -18.25 4.81
C LYS A 148 -2.30 -17.36 3.93
N ASP A 149 -2.93 -16.77 2.90
CA ASP A 149 -2.23 -15.90 1.97
C ASP A 149 -1.66 -14.67 2.65
N VAL A 150 -2.48 -13.97 3.43
CA VAL A 150 -2.03 -12.78 4.13
C VAL A 150 -0.96 -13.11 5.17
N ILE A 151 -1.07 -14.28 5.79
CA ILE A 151 -0.09 -14.70 6.79
C ILE A 151 1.24 -15.01 6.10
N GLU A 152 1.16 -15.72 4.97
CA GLU A 152 2.36 -16.06 4.21
C GLU A 152 3.03 -14.80 3.69
N LEU A 153 2.23 -13.93 3.07
CA LEU A 153 2.72 -12.69 2.50
C LEU A 153 3.42 -11.83 3.57
N ALA A 154 2.75 -11.64 4.70
CA ALA A 154 3.29 -10.83 5.78
C ALA A 154 4.55 -11.44 6.38
N SER A 155 4.70 -12.75 6.27
CA SER A 155 5.87 -13.43 6.82
C SER A 155 7.04 -13.40 5.82
N ILE A 156 6.72 -13.39 4.53
CA ILE A 156 7.72 -13.36 3.49
C ILE A 156 8.22 -11.95 3.25
N VAL A 157 7.30 -11.03 3.01
CA VAL A 157 7.67 -9.64 2.76
C VAL A 157 7.54 -8.79 4.02
N PRO A 158 8.55 -7.95 4.27
CA PRO A 158 8.56 -7.07 5.44
C PRO A 158 7.86 -5.75 5.15
N ASN A 159 8.19 -4.73 5.90
CA ASN A 159 7.59 -3.42 5.70
C ASN A 159 8.38 -2.66 4.65
N GLY A 160 7.72 -1.74 3.95
CA GLY A 160 8.40 -0.98 2.92
C GLY A 160 8.27 -1.64 1.55
N THR A 161 7.83 -2.90 1.54
CA THR A 161 7.66 -3.65 0.30
C THR A 161 6.73 -2.88 -0.64
N ARG A 162 7.21 -2.64 -1.85
CA ARG A 162 6.44 -1.89 -2.83
C ARG A 162 5.45 -2.75 -3.61
N VAL A 163 4.20 -2.31 -3.59
CA VAL A 163 3.13 -2.98 -4.29
C VAL A 163 2.69 -2.06 -5.43
N THR A 164 3.09 -2.40 -6.63
CA THR A 164 2.78 -1.58 -7.79
C THR A 164 1.55 -2.07 -8.55
N ILE A 165 0.73 -1.13 -8.99
CA ILE A 165 -0.47 -1.45 -9.74
C ILE A 165 -0.12 -1.66 -11.20
N ASN A 166 -0.43 -2.83 -11.72
CA ASN A 166 -0.14 -3.17 -13.10
C ASN A 166 -1.41 -3.23 -13.93
N ARG A 167 -1.41 -2.49 -15.02
CA ARG A 167 -2.55 -2.44 -15.91
C ARG A 167 -2.42 -3.48 -17.01
N GLY A 168 -1.23 -4.05 -17.15
CA GLY A 168 -0.99 -5.04 -18.17
C GLY A 168 -0.80 -4.41 -19.53
N SER A 169 -1.90 -3.99 -20.13
CA SER A 169 -1.88 -3.35 -21.43
C SER A 169 -3.10 -2.46 -21.58
N ALA B 1 16.93 9.23 -1.19
CA ALA B 1 16.73 9.76 0.17
C ALA B 1 18.08 9.88 0.87
N ALA C 1 10.34 7.11 -10.05
CA ALA C 1 9.85 6.58 -11.33
C ALA C 1 8.61 5.70 -11.09
N ALA D 1 -0.35 8.72 -15.17
CA ALA D 1 0.78 7.91 -15.64
C ALA D 1 1.01 8.20 -17.13
N ALA E 1 -13.00 18.68 -10.15
CA ALA E 1 -14.46 18.81 -10.18
C ALA E 1 -14.88 19.44 -11.51
N ALA F 1 -12.68 7.92 2.06
CA ALA F 1 -14.01 7.41 1.70
C ALA F 1 -14.52 6.50 2.82
N ALA G 1 -14.16 10.92 13.54
CA ALA G 1 -13.69 10.79 14.92
C ALA G 1 -14.90 10.72 15.86
#